data_9FEA
#
_entry.id   9FEA
#
_cell.length_a   63.582
_cell.length_b   115.785
_cell.length_c   190.011
_cell.angle_alpha   90.000
_cell.angle_beta   90.000
_cell.angle_gamma   90.000
#
_symmetry.space_group_name_H-M   'P 21 21 21'
#
loop_
_entity.id
_entity.type
_entity.pdbx_description
1 polymer 'NADH-quinone oxidoreductase subunit E'
2 polymer 'NADH-quinone oxidoreductase subunit F'
3 non-polymer 'FE2/S2 (INORGANIC) CLUSTER'
4 non-polymer 'SULFATE ION'
5 non-polymer 'CHLORIDE ION'
6 non-polymer 'SODIUM ION'
7 non-polymer 'IRON/SULFUR CLUSTER'
8 non-polymer 1-DEOXY-1-(7,8-DIMETHYL-2,4-DIOXO-3,4-DIHYDRO-2H-BENZO[G]PTERIDIN-1-ID-10(5H)-YL)-5-O-PHOSPHONATO-D-RIBITOL
9 non-polymer NICOTINAMIDE-ADENINE-DINUCLEOTIDE
10 non-polymer GLYCEROL
11 water water
#
loop_
_entity_poly.entity_id
_entity_poly.type
_entity_poly.pdbx_seq_one_letter_code
_entity_poly.pdbx_strand_id
1 'polypeptide(L)'
;MFKTEFEFPEELKTKLQEHINYFPKKRQAILLCLHEIQNYYGYIPPESLKPLADMLELPLNHVEGVVAFYDMFDREDKAK
YRIRVCVSIVCHLMGTNKLLKALENILGIKPGEVTPDGKFKIVPVQCLGACSEAPVFMVNDDEYKFESEVQLNEILSRYT
;
A,C
2 'polypeptide(L)'
;MRSYPAIPRIYAETTLNMLLKRAKKPRVHSIDEYLKDGGYQALEKALNMSPEEIIDWVDKSTLRGRGGAGFPTGKKWKFA
VQNPGPRYFICNADESEPGTFKDRIIIERDPHLLIEGIIISSYAIGANEAYIYIRGEYPAGYYILRDAIEEAKKKGFLGK
NILGSGFDLEIYVARGAGAYICGEETALIESLEGKRGHPRLKPPYPVQKGLWGKPTVVNNVETIANVRFIISMGWEEYRY
IGPSDYAGPKLFPVSGKVKKPGVYELPMNTTLREVIFKYAGGTLGNKKVKAVFSGALDCFSSEELDIPMDYSPLGFGGTG
TVIVLTEEDDIVEAALKIAEFYEHETCGQCTPCRVGCYEQANLLEKIYKGEATEQDWEGFDFVNRNIQPTSICGLGAVAG
RLIRQTLEKFPEEWEKYRKKSASLPLAGHHHHHH
;
B,D
#
loop_
_chem_comp.id
_chem_comp.type
_chem_comp.name
_chem_comp.formula
CL non-polymer 'CHLORIDE ION' 'Cl -1'
FES non-polymer 'FE2/S2 (INORGANIC) CLUSTER' 'Fe2 S2'
FNR non-polymer 1-DEOXY-1-(7,8-DIMETHYL-2,4-DIOXO-3,4-DIHYDRO-2H-BENZO[G]PTERIDIN-1-ID-10(5H)-YL)-5-O-PHOSPHONATO-D-RIBITOL 'C17 H23 N4 O9 P'
GOL non-polymer GLYCEROL 'C3 H8 O3'
NA non-polymer 'SODIUM ION' 'Na 1'
NAD non-polymer NICOTINAMIDE-ADENINE-DINUCLEOTIDE 'C21 H27 N7 O14 P2'
SF4 non-polymer 'IRON/SULFUR CLUSTER' 'Fe4 S4'
SO4 non-polymer 'SULFATE ION' 'O4 S -2'
#
# COMPACT_ATOMS: atom_id res chain seq x y z
N GLU A 5 -0.71 -33.32 -43.47
CA GLU A 5 0.27 -34.01 -42.59
C GLU A 5 0.15 -33.47 -41.16
N PHE A 6 0.14 -32.13 -41.01
CA PHE A 6 0.06 -31.49 -39.70
C PHE A 6 -1.31 -31.77 -39.08
N GLU A 7 -1.30 -32.27 -37.84
CA GLU A 7 -2.49 -32.51 -37.06
C GLU A 7 -2.28 -31.98 -35.64
N PHE A 8 -3.34 -31.38 -35.07
CA PHE A 8 -3.32 -30.91 -33.70
C PHE A 8 -3.25 -32.10 -32.74
N PRO A 9 -2.38 -32.07 -31.71
CA PRO A 9 -2.45 -33.06 -30.63
C PRO A 9 -3.85 -33.04 -30.01
N GLU A 10 -4.30 -34.21 -29.55
CA GLU A 10 -5.69 -34.41 -29.18
C GLU A 10 -6.10 -33.43 -28.09
N GLU A 11 -5.21 -33.19 -27.11
CA GLU A 11 -5.53 -32.29 -26.01
C GLU A 11 -5.83 -30.89 -26.51
N LEU A 12 -5.10 -30.45 -27.56
CA LEU A 12 -5.29 -29.12 -28.12
C LEU A 12 -6.57 -29.10 -28.94
N LYS A 13 -6.72 -30.12 -29.80
CA LYS A 13 -7.90 -30.28 -30.63
C LYS A 13 -9.16 -30.24 -29.76
N THR A 14 -9.10 -30.86 -28.57
CA THR A 14 -10.24 -30.86 -27.66
C THR A 14 -10.59 -29.44 -27.24
N LYS A 15 -9.58 -28.66 -26.86
CA LYS A 15 -9.78 -27.29 -26.39
C LYS A 15 -10.35 -26.43 -27.53
N LEU A 16 -9.80 -26.57 -28.74
CA LEU A 16 -10.30 -25.83 -29.89
C LEU A 16 -11.77 -26.17 -30.14
N GLN A 17 -12.12 -27.45 -30.03
CA GLN A 17 -13.50 -27.87 -30.26
C GLN A 17 -14.42 -27.21 -29.23
N GLU A 18 -13.94 -27.09 -27.99
CA GLU A 18 -14.69 -26.40 -26.93
C GLU A 18 -15.00 -24.97 -27.35
N HIS A 19 -14.00 -24.25 -27.85
CA HIS A 19 -14.21 -22.88 -28.31
C HIS A 19 -15.21 -22.86 -29.47
N ILE A 20 -15.02 -23.77 -30.43
CA ILE A 20 -15.85 -23.79 -31.63
C ILE A 20 -17.31 -24.03 -31.28
N ASN A 21 -17.57 -24.83 -30.24
CA ASN A 21 -18.92 -25.14 -29.78
C ASN A 21 -19.48 -24.07 -28.84
N TYR A 22 -18.67 -23.08 -28.45
CA TYR A 22 -19.05 -22.13 -27.41
C TYR A 22 -20.06 -21.12 -27.94
N PHE A 23 -19.73 -20.47 -29.06
CA PHE A 23 -20.59 -19.45 -29.65
C PHE A 23 -21.67 -20.11 -30.51
N PRO A 24 -22.77 -19.38 -30.83
CA PRO A 24 -23.80 -19.94 -31.71
C PRO A 24 -23.28 -20.39 -33.07
N LYS A 25 -22.28 -19.68 -33.63
CA LYS A 25 -21.75 -20.01 -34.94
C LYS A 25 -20.26 -20.33 -34.80
N LYS A 26 -19.78 -21.33 -35.53
CA LYS A 26 -18.42 -21.82 -35.36
C LYS A 26 -17.39 -20.74 -35.65
N ARG A 27 -17.63 -19.94 -36.69
CA ARG A 27 -16.63 -18.97 -37.14
C ARG A 27 -16.35 -17.89 -36.09
N GLN A 28 -17.26 -17.72 -35.12
CA GLN A 28 -17.06 -16.73 -34.07
C GLN A 28 -15.88 -17.09 -33.17
N ALA A 29 -15.50 -18.37 -33.17
CA ALA A 29 -14.47 -18.88 -32.28
C ALA A 29 -13.06 -18.64 -32.80
N ILE A 30 -12.91 -17.97 -33.94
CA ILE A 30 -11.62 -17.93 -34.63
C ILE A 30 -10.52 -17.33 -33.73
N LEU A 31 -10.79 -16.21 -33.04
CA LEU A 31 -9.74 -15.59 -32.24
C LEU A 31 -9.41 -16.41 -31.00
N LEU A 32 -10.43 -16.98 -30.34
CA LEU A 32 -10.19 -17.83 -29.19
C LEU A 32 -9.31 -19.01 -29.60
N CYS A 33 -9.56 -19.53 -30.80
CA CYS A 33 -8.79 -20.66 -31.33
C CYS A 33 -7.33 -20.25 -31.55
N LEU A 34 -7.11 -19.10 -32.18
CA LEU A 34 -5.76 -18.64 -32.44
C LEU A 34 -5.01 -18.34 -31.15
N HIS A 35 -5.69 -17.77 -30.15
CA HIS A 35 -5.09 -17.58 -28.84
C HIS A 35 -4.65 -18.93 -28.28
N GLU A 36 -5.51 -19.93 -28.43
CA GLU A 36 -5.25 -21.23 -27.85
C GLU A 36 -4.01 -21.84 -28.51
N ILE A 37 -3.97 -21.74 -29.85
CA ILE A 37 -2.87 -22.27 -30.64
C ILE A 37 -1.57 -21.57 -30.22
N GLN A 38 -1.60 -20.24 -30.07
CA GLN A 38 -0.38 -19.53 -29.77
C GLN A 38 0.11 -19.89 -28.36
N ASN A 39 -0.84 -20.04 -27.44
CA ASN A 39 -0.53 -20.47 -26.07
C ASN A 39 0.16 -21.83 -26.08
N TYR A 40 -0.25 -22.72 -26.98
CA TYR A 40 0.24 -24.08 -26.99
C TYR A 40 1.64 -24.17 -27.59
N TYR A 41 1.86 -23.49 -28.73
CA TYR A 41 3.09 -23.66 -29.50
C TYR A 41 4.14 -22.59 -29.21
N GLY A 42 3.74 -21.45 -28.63
CA GLY A 42 4.63 -20.32 -28.44
C GLY A 42 4.64 -19.35 -29.62
N TYR A 43 3.75 -19.60 -30.60
CA TYR A 43 3.61 -18.84 -31.83
C TYR A 43 2.46 -19.48 -32.61
N ILE A 44 2.07 -18.92 -33.76
CA ILE A 44 1.10 -19.56 -34.64
C ILE A 44 1.86 -20.31 -35.72
N PRO A 45 1.94 -21.66 -35.68
CA PRO A 45 2.55 -22.42 -36.77
C PRO A 45 1.79 -22.18 -38.08
N PRO A 46 2.44 -21.69 -39.16
CA PRO A 46 1.79 -21.58 -40.47
C PRO A 46 0.98 -22.81 -40.88
N GLU A 47 1.48 -24.00 -40.53
CA GLU A 47 0.88 -25.26 -40.94
C GLU A 47 -0.40 -25.54 -40.14
N SER A 48 -0.67 -24.75 -39.08
CA SER A 48 -1.83 -24.96 -38.23
C SER A 48 -3.09 -24.36 -38.85
N LEU A 49 -2.93 -23.47 -39.83
CA LEU A 49 -4.04 -22.63 -40.25
C LEU A 49 -5.02 -23.40 -41.14
N LYS A 50 -4.53 -24.30 -42.01
CA LYS A 50 -5.42 -25.06 -42.87
C LYS A 50 -6.32 -25.96 -42.03
N PRO A 51 -5.79 -26.76 -41.08
CA PRO A 51 -6.63 -27.57 -40.18
C PRO A 51 -7.63 -26.72 -39.38
N LEU A 52 -7.18 -25.55 -38.89
CA LEU A 52 -8.06 -24.67 -38.15
C LEU A 52 -9.20 -24.21 -39.04
N ALA A 53 -8.84 -23.78 -40.26
CA ALA A 53 -9.83 -23.32 -41.22
C ALA A 53 -10.90 -24.38 -41.43
N ASP A 54 -10.50 -25.66 -41.48
CA ASP A 54 -11.42 -26.77 -41.66
C ASP A 54 -12.37 -26.94 -40.47
N MET A 55 -11.87 -26.72 -39.23
CA MET A 55 -12.69 -26.84 -38.03
C MET A 55 -13.69 -25.69 -37.94
N LEU A 56 -13.31 -24.52 -38.47
CA LEU A 56 -14.15 -23.34 -38.44
C LEU A 56 -15.10 -23.30 -39.63
N GLU A 57 -14.88 -24.19 -40.61
CA GLU A 57 -15.58 -24.18 -41.88
C GLU A 57 -15.39 -22.84 -42.56
N LEU A 58 -14.14 -22.35 -42.57
CA LEU A 58 -13.78 -21.12 -43.25
C LEU A 58 -12.72 -21.40 -44.32
N PRO A 59 -12.65 -20.55 -45.37
CA PRO A 59 -11.54 -20.63 -46.33
C PRO A 59 -10.22 -20.30 -45.63
N LEU A 60 -9.13 -20.96 -46.05
CA LEU A 60 -7.82 -20.75 -45.49
C LEU A 60 -7.43 -19.27 -45.61
N ASN A 61 -7.72 -18.70 -46.79
CA ASN A 61 -7.47 -17.30 -47.09
C ASN A 61 -8.01 -16.41 -45.97
N HIS A 62 -9.23 -16.72 -45.51
CA HIS A 62 -9.88 -15.96 -44.46
C HIS A 62 -9.07 -16.03 -43.17
N VAL A 63 -8.67 -17.26 -42.79
CA VAL A 63 -7.95 -17.46 -41.55
C VAL A 63 -6.59 -16.74 -41.61
N GLU A 64 -5.90 -16.86 -42.76
CA GLU A 64 -4.61 -16.22 -42.91
C GLU A 64 -4.77 -14.71 -42.75
N GLY A 65 -5.81 -14.14 -43.36
CA GLY A 65 -6.07 -12.71 -43.26
C GLY A 65 -6.30 -12.25 -41.82
N VAL A 66 -6.98 -13.07 -41.03
CA VAL A 66 -7.26 -12.74 -39.64
C VAL A 66 -5.97 -12.78 -38.82
N VAL A 67 -5.13 -13.80 -39.03
CA VAL A 67 -3.87 -13.88 -38.31
C VAL A 67 -3.01 -12.63 -38.60
N ALA A 68 -3.00 -12.19 -39.85
CA ALA A 68 -2.16 -11.07 -40.29
C ALA A 68 -2.65 -9.76 -39.66
N PHE A 69 -3.97 -9.65 -39.48
CA PHE A 69 -4.61 -8.42 -39.05
C PHE A 69 -4.39 -8.16 -37.56
N TYR A 70 -4.44 -9.21 -36.73
CA TYR A 70 -4.48 -9.05 -35.28
C TYR A 70 -3.06 -9.15 -34.69
N ASP A 71 -2.64 -8.07 -34.04
CA ASP A 71 -1.23 -7.86 -33.74
C ASP A 71 -0.72 -8.79 -32.65
N MET A 72 -1.61 -9.38 -31.85
CA MET A 72 -1.15 -10.26 -30.78
C MET A 72 -0.57 -11.55 -31.33
N PHE A 73 -0.92 -11.92 -32.58
CA PHE A 73 -0.50 -13.21 -33.12
C PHE A 73 0.83 -13.06 -33.84
N ASP A 74 1.69 -14.08 -33.69
CA ASP A 74 3.05 -14.09 -34.20
C ASP A 74 3.28 -15.41 -34.94
N ARG A 75 3.53 -15.34 -36.25
CA ARG A 75 3.72 -16.54 -37.05
C ARG A 75 5.20 -16.84 -37.27
N GLU A 76 6.09 -16.01 -36.69
CA GLU A 76 7.49 -16.05 -37.06
C GLU A 76 8.36 -16.57 -35.93
N ASP A 77 8.14 -16.09 -34.70
CA ASP A 77 9.02 -16.42 -33.60
C ASP A 77 8.31 -17.20 -32.50
N LYS A 78 8.84 -18.39 -32.22
CA LYS A 78 8.47 -19.19 -31.06
C LYS A 78 9.15 -18.62 -29.82
N ALA A 79 8.36 -18.36 -28.77
CA ALA A 79 8.89 -17.97 -27.48
C ALA A 79 8.02 -18.52 -26.35
N LYS A 80 8.64 -19.03 -25.29
CA LYS A 80 7.89 -19.57 -24.17
C LYS A 80 7.15 -18.46 -23.44
N TYR A 81 7.84 -17.32 -23.29
CA TYR A 81 7.34 -16.18 -22.53
C TYR A 81 7.46 -14.92 -23.39
N ARG A 82 6.32 -14.30 -23.69
CA ARG A 82 6.32 -13.01 -24.35
C ARG A 82 6.32 -11.91 -23.30
N ILE A 83 7.37 -11.08 -23.31
CA ILE A 83 7.40 -9.89 -22.46
C ILE A 83 6.88 -8.73 -23.28
N ARG A 84 5.61 -8.37 -23.04
CA ARG A 84 5.02 -7.27 -23.77
C ARG A 84 5.34 -5.99 -23.02
N VAL A 85 6.01 -5.04 -23.69
CA VAL A 85 6.40 -3.80 -23.04
C VAL A 85 5.61 -2.67 -23.69
N CYS A 86 4.83 -1.94 -22.89
CA CYS A 86 4.09 -0.82 -23.44
C CYS A 86 5.06 0.29 -23.89
N VAL A 87 4.87 0.78 -25.12
CA VAL A 87 5.69 1.86 -25.66
C VAL A 87 4.86 3.10 -25.98
N SER A 88 3.63 3.17 -25.44
CA SER A 88 2.75 4.31 -25.67
C SER A 88 3.06 5.45 -24.70
N ILE A 89 2.30 6.54 -24.87
CA ILE A 89 2.63 7.84 -24.28
C ILE A 89 2.91 7.76 -22.78
N VAL A 90 2.00 7.19 -21.98
CA VAL A 90 2.15 7.30 -20.53
C VAL A 90 3.36 6.53 -20.04
N CYS A 91 3.51 5.29 -20.51
CA CYS A 91 4.67 4.51 -20.12
C CYS A 91 5.96 5.17 -20.60
N HIS A 92 5.92 5.83 -21.75
CA HIS A 92 7.08 6.52 -22.26
C HIS A 92 7.51 7.62 -21.30
N LEU A 93 6.53 8.46 -20.89
CA LEU A 93 6.74 9.51 -19.91
C LEU A 93 7.37 8.98 -18.63
N MET A 94 6.89 7.81 -18.17
CA MET A 94 7.17 7.34 -16.83
C MET A 94 8.30 6.30 -16.78
N GLY A 95 8.84 5.89 -17.94
CA GLY A 95 10.11 5.18 -17.91
C GLY A 95 10.20 3.91 -18.77
N THR A 96 9.46 3.80 -19.88
CA THR A 96 9.64 2.65 -20.77
C THR A 96 11.13 2.40 -21.01
N ASN A 97 11.91 3.45 -21.24
CA ASN A 97 13.28 3.27 -21.69
C ASN A 97 14.10 2.64 -20.55
N LYS A 98 13.78 2.97 -19.29
CA LYS A 98 14.44 2.34 -18.15
C LYS A 98 14.10 0.84 -18.10
N LEU A 99 12.83 0.51 -18.34
CA LEU A 99 12.43 -0.88 -18.39
C LEU A 99 13.19 -1.62 -19.50
N LEU A 100 13.26 -1.03 -20.71
CA LEU A 100 13.96 -1.68 -21.82
C LEU A 100 15.44 -1.89 -21.50
N LYS A 101 16.05 -0.88 -20.87
CA LYS A 101 17.46 -0.98 -20.53
C LYS A 101 17.66 -2.11 -19.51
N ALA A 102 16.77 -2.20 -18.54
CA ALA A 102 16.85 -3.24 -17.52
C ALA A 102 16.70 -4.61 -18.16
N LEU A 103 15.78 -4.72 -19.13
CA LEU A 103 15.56 -5.97 -19.84
C LEU A 103 16.80 -6.37 -20.62
N GLU A 104 17.44 -5.40 -21.28
CA GLU A 104 18.65 -5.70 -22.05
C GLU A 104 19.76 -6.13 -21.10
N ASN A 105 19.88 -5.48 -19.96
CA ASN A 105 20.85 -5.86 -18.95
C ASN A 105 20.62 -7.29 -18.46
N ILE A 106 19.37 -7.67 -18.20
CA ILE A 106 19.10 -8.98 -17.64
C ILE A 106 19.16 -10.06 -18.71
N LEU A 107 18.53 -9.83 -19.86
CA LEU A 107 18.26 -10.88 -20.83
C LEU A 107 19.14 -10.79 -22.07
N GLY A 108 19.71 -9.60 -22.33
CA GLY A 108 20.64 -9.42 -23.43
C GLY A 108 19.95 -9.20 -24.78
N ILE A 109 18.65 -8.95 -24.77
CA ILE A 109 17.88 -8.72 -25.99
C ILE A 109 17.17 -7.38 -25.95
N LYS A 110 16.72 -6.95 -27.14
CA LYS A 110 16.02 -5.71 -27.39
C LYS A 110 14.64 -6.04 -27.96
N PRO A 111 13.74 -5.04 -28.06
CA PRO A 111 12.40 -5.27 -28.62
C PRO A 111 12.48 -5.95 -29.99
N GLY A 112 11.60 -6.94 -30.16
CA GLY A 112 11.51 -7.73 -31.38
C GLY A 112 12.41 -8.97 -31.35
N GLU A 113 13.34 -9.06 -30.39
CA GLU A 113 14.28 -10.16 -30.37
C GLU A 113 13.82 -11.27 -29.42
N VAL A 114 14.30 -12.49 -29.70
CA VAL A 114 14.14 -13.64 -28.83
C VAL A 114 15.49 -14.03 -28.25
N THR A 115 15.51 -14.51 -27.00
CA THR A 115 16.75 -15.02 -26.42
C THR A 115 17.15 -16.27 -27.20
N PRO A 116 18.46 -16.61 -27.25
CA PRO A 116 18.91 -17.78 -28.02
C PRO A 116 18.23 -19.09 -27.63
N ASP A 117 17.80 -19.22 -26.37
CA ASP A 117 17.23 -20.44 -25.86
C ASP A 117 15.73 -20.55 -26.17
N GLY A 118 15.15 -19.49 -26.75
CA GLY A 118 13.73 -19.47 -27.10
C GLY A 118 12.82 -19.15 -25.91
N LYS A 119 13.42 -18.68 -24.80
CA LYS A 119 12.68 -18.55 -23.57
C LYS A 119 11.88 -17.25 -23.55
N PHE A 120 12.52 -16.12 -23.91
CA PHE A 120 11.88 -14.82 -23.80
C PHE A 120 11.94 -14.06 -25.12
N LYS A 121 10.84 -13.40 -25.45
CA LYS A 121 10.77 -12.47 -26.56
C LYS A 121 10.21 -11.16 -26.03
N ILE A 122 10.85 -10.03 -26.38
CA ILE A 122 10.35 -8.72 -26.03
C ILE A 122 9.49 -8.20 -27.18
N VAL A 123 8.22 -7.91 -26.87
CA VAL A 123 7.22 -7.47 -27.82
C VAL A 123 6.81 -6.05 -27.44
N PRO A 124 7.16 -5.04 -28.27
CA PRO A 124 6.67 -3.69 -28.03
C PRO A 124 5.19 -3.66 -28.40
N VAL A 125 4.39 -3.08 -27.50
CA VAL A 125 2.94 -3.03 -27.64
C VAL A 125 2.43 -1.64 -27.30
N GLN A 126 1.24 -1.35 -27.83
CA GLN A 126 0.51 -0.14 -27.50
C GLN A 126 -0.11 -0.28 -26.11
N CYS A 127 -0.59 0.85 -25.60
CA CYS A 127 -1.16 0.99 -24.28
C CYS A 127 -1.89 -0.26 -23.83
N LEU A 128 -1.45 -0.77 -22.69
CA LEU A 128 -2.01 -1.95 -22.06
C LEU A 128 -3.15 -1.63 -21.11
N GLY A 129 -3.57 -0.37 -21.00
CA GLY A 129 -4.68 -0.07 -20.09
C GLY A 129 -4.32 -0.29 -18.63
N ALA A 130 -3.09 0.08 -18.23
CA ALA A 130 -2.67 0.12 -16.83
C ALA A 130 -1.81 1.34 -16.53
N CYS A 131 -2.20 2.48 -17.15
CA CYS A 131 -1.35 3.63 -17.29
C CYS A 131 -0.92 4.21 -15.94
N SER A 132 -1.78 4.11 -14.93
CA SER A 132 -1.44 4.64 -13.62
C SER A 132 -0.26 3.89 -13.00
N GLU A 133 -0.01 2.69 -13.50
CA GLU A 133 1.07 1.84 -13.03
C GLU A 133 2.21 1.83 -14.03
N ALA A 134 2.30 2.88 -14.87
CA ALA A 134 3.40 3.02 -15.82
C ALA A 134 4.77 3.02 -15.15
N PRO A 135 5.83 2.44 -15.78
CA PRO A 135 5.75 1.69 -17.03
C PRO A 135 5.32 0.25 -16.85
N VAL A 136 4.51 -0.26 -17.78
CA VAL A 136 3.84 -1.52 -17.62
C VAL A 136 4.45 -2.55 -18.56
N PHE A 137 4.45 -3.80 -18.11
CA PHE A 137 4.82 -4.91 -18.97
C PHE A 137 4.01 -6.13 -18.56
N MET A 138 3.91 -7.06 -19.51
CA MET A 138 3.30 -8.34 -19.23
C MET A 138 4.35 -9.42 -19.47
N VAL A 139 4.19 -10.55 -18.77
CA VAL A 139 4.92 -11.77 -19.06
C VAL A 139 3.85 -12.83 -19.29
N ASN A 140 3.67 -13.22 -20.57
CA ASN A 140 2.48 -13.90 -21.02
C ASN A 140 1.28 -13.16 -20.42
N ASP A 141 0.44 -13.83 -19.63
CA ASP A 141 -0.81 -13.23 -19.17
C ASP A 141 -0.61 -12.36 -17.91
N ASP A 142 0.55 -12.45 -17.27
CA ASP A 142 0.74 -11.70 -16.03
C ASP A 142 1.17 -10.28 -16.35
N GLU A 143 0.70 -9.31 -15.56
CA GLU A 143 1.04 -7.93 -15.84
C GLU A 143 1.57 -7.26 -14.58
N TYR A 144 2.52 -6.33 -14.78
CA TYR A 144 3.32 -5.77 -13.70
C TYR A 144 3.69 -4.32 -14.01
N LYS A 145 3.79 -3.52 -12.94
CA LYS A 145 4.51 -2.27 -12.97
C LYS A 145 6.00 -2.55 -12.82
N PHE A 146 6.79 -1.89 -13.66
CA PHE A 146 8.23 -1.88 -13.51
C PHE A 146 8.64 -0.85 -12.48
N GLU A 147 9.46 -1.29 -11.51
CA GLU A 147 9.98 -0.41 -10.48
C GLU A 147 11.49 -0.20 -10.64
N SER A 148 12.23 -1.27 -10.94
CA SER A 148 13.69 -1.20 -11.01
C SER A 148 14.24 -2.51 -11.57
N GLU A 149 15.51 -2.53 -11.92
CA GLU A 149 16.15 -3.72 -12.45
C GLU A 149 16.18 -4.84 -11.41
N VAL A 150 16.45 -4.53 -10.13
CA VAL A 150 16.48 -5.55 -9.09
C VAL A 150 15.09 -6.20 -8.99
N GLN A 151 14.06 -5.36 -9.02
CA GLN A 151 12.70 -5.83 -8.88
C GLN A 151 12.30 -6.68 -10.08
N LEU A 152 12.66 -6.20 -11.29
CA LEU A 152 12.31 -6.91 -12.51
C LEU A 152 13.02 -8.27 -12.56
N ASN A 153 14.28 -8.27 -12.13
CA ASN A 153 15.04 -9.51 -12.15
C ASN A 153 14.34 -10.59 -11.32
N GLU A 154 13.80 -10.20 -10.16
CA GLU A 154 13.14 -11.15 -9.27
C GLU A 154 11.87 -11.67 -9.92
N ILE A 155 11.08 -10.77 -10.55
CA ILE A 155 9.87 -11.16 -11.27
C ILE A 155 10.24 -12.17 -12.37
N LEU A 156 11.25 -11.86 -13.17
CA LEU A 156 11.59 -12.70 -14.31
C LEU A 156 12.05 -14.08 -13.85
N SER A 157 12.64 -14.14 -12.65
CA SER A 157 13.15 -15.39 -12.08
C SER A 157 12.02 -16.38 -11.80
N ARG A 158 10.78 -15.90 -11.67
CA ARG A 158 9.64 -16.75 -11.43
C ARG A 158 9.24 -17.54 -12.68
N TYR A 159 9.79 -17.19 -13.85
CA TYR A 159 9.44 -17.84 -15.11
C TYR A 159 10.59 -18.73 -15.57
N THR A 160 10.37 -20.06 -15.49
CA THR A 160 11.43 -21.04 -15.69
C THR A 160 11.23 -21.82 -16.97
N ARG B 2 -10.71 -19.39 -8.93
CA ARG B 2 -9.40 -20.07 -8.74
C ARG B 2 -8.31 -19.01 -8.64
N SER B 3 -7.14 -19.23 -9.26
CA SER B 3 -6.17 -18.15 -9.40
C SER B 3 -6.29 -17.52 -10.79
N TYR B 4 -5.99 -16.23 -10.83
CA TYR B 4 -6.05 -15.44 -12.06
C TYR B 4 -4.64 -14.93 -12.34
N PRO B 5 -4.35 -14.49 -13.58
CA PRO B 5 -3.08 -13.83 -13.87
C PRO B 5 -2.86 -12.61 -13.00
N ALA B 6 -1.58 -12.27 -12.75
CA ALA B 6 -1.24 -11.08 -11.99
C ALA B 6 -1.78 -9.82 -12.67
N ILE B 7 -2.35 -8.93 -11.86
N ILE B 7 -2.35 -8.90 -11.89
CA ILE B 7 -2.82 -7.61 -12.28
CA ILE B 7 -2.74 -7.61 -12.40
C ILE B 7 -2.15 -6.57 -11.39
C ILE B 7 -2.26 -6.54 -11.42
N PRO B 8 -1.68 -5.42 -11.93
CA PRO B 8 -1.20 -4.35 -11.06
C PRO B 8 -2.40 -3.83 -10.24
N ARG B 9 -2.11 -3.35 -9.02
CA ARG B 9 -3.17 -2.89 -8.14
C ARG B 9 -3.38 -1.39 -8.35
N ILE B 10 -4.20 -1.06 -9.35
CA ILE B 10 -4.47 0.32 -9.69
C ILE B 10 -5.23 0.96 -8.52
N TYR B 11 -4.77 2.12 -8.08
CA TYR B 11 -5.45 2.85 -7.01
C TYR B 11 -6.82 3.34 -7.50
N ALA B 12 -7.84 3.22 -6.64
CA ALA B 12 -9.17 3.71 -6.95
C ALA B 12 -9.77 4.38 -5.71
N GLU B 13 -10.48 5.49 -5.95
CA GLU B 13 -11.02 6.35 -4.92
C GLU B 13 -12.37 6.90 -5.39
N THR B 14 -13.33 7.04 -4.47
CA THR B 14 -14.67 7.43 -4.86
C THR B 14 -15.24 8.39 -3.82
N THR B 15 -15.92 9.43 -4.29
CA THR B 15 -16.69 10.30 -3.41
C THR B 15 -18.16 9.91 -3.45
N LEU B 16 -18.55 8.95 -4.29
CA LEU B 16 -19.97 8.62 -4.52
C LEU B 16 -20.31 7.23 -4.03
N ASN B 17 -19.33 6.31 -4.04
CA ASN B 17 -19.50 4.95 -3.54
C ASN B 17 -20.58 4.19 -4.33
N MET B 18 -20.49 4.27 -5.67
CA MET B 18 -21.45 3.59 -6.52
C MET B 18 -20.70 2.54 -7.34
N LEU B 19 -20.13 2.97 -8.47
CA LEU B 19 -19.41 2.06 -9.35
C LEU B 19 -18.18 1.47 -8.65
N LEU B 20 -17.59 2.21 -7.70
CA LEU B 20 -16.39 1.76 -7.01
C LEU B 20 -16.66 1.33 -5.58
N LYS B 21 -17.92 1.05 -5.22
CA LYS B 21 -18.22 0.69 -3.84
C LYS B 21 -17.40 -0.52 -3.44
N ARG B 22 -17.26 -1.46 -4.36
CA ARG B 22 -16.46 -2.65 -4.15
C ARG B 22 -15.12 -2.56 -4.87
N ALA B 23 -15.14 -1.95 -6.06
CA ALA B 23 -13.99 -1.93 -6.94
C ALA B 23 -12.91 -0.97 -6.42
N LYS B 24 -13.22 -0.21 -5.36
CA LYS B 24 -12.19 0.59 -4.72
C LYS B 24 -11.17 -0.33 -4.04
N LYS B 25 -11.55 -1.59 -3.74
CA LYS B 25 -10.64 -2.55 -3.15
C LYS B 25 -10.12 -3.46 -4.26
N PRO B 26 -8.79 -3.59 -4.44
CA PRO B 26 -8.22 -4.25 -5.62
C PRO B 26 -8.20 -5.76 -5.53
N ARG B 27 -9.37 -6.36 -5.64
CA ARG B 27 -9.49 -7.81 -5.58
C ARG B 27 -10.82 -8.20 -6.21
N VAL B 28 -10.96 -9.48 -6.55
CA VAL B 28 -12.20 -9.97 -7.16
C VAL B 28 -13.28 -10.11 -6.09
N HIS B 29 -14.43 -9.47 -6.30
CA HIS B 29 -15.58 -9.66 -5.44
C HIS B 29 -16.52 -10.66 -6.11
N SER B 30 -16.68 -11.81 -5.48
CA SER B 30 -17.46 -12.87 -6.09
C SER B 30 -18.93 -12.72 -5.68
N ILE B 31 -19.77 -13.66 -6.15
CA ILE B 31 -21.19 -13.40 -6.15
C ILE B 31 -21.75 -13.34 -4.71
N ASP B 32 -21.21 -14.13 -3.78
CA ASP B 32 -21.73 -14.08 -2.42
C ASP B 32 -21.54 -12.69 -1.82
N GLU B 33 -20.36 -12.10 -2.00
CA GLU B 33 -20.12 -10.75 -1.50
C GLU B 33 -21.02 -9.74 -2.20
N TYR B 34 -21.21 -9.93 -3.52
CA TYR B 34 -22.05 -9.06 -4.31
C TYR B 34 -23.50 -9.11 -3.81
N LEU B 35 -23.99 -10.32 -3.53
CA LEU B 35 -25.35 -10.50 -3.02
C LEU B 35 -25.54 -9.83 -1.66
N LYS B 36 -24.50 -9.79 -0.82
CA LYS B 36 -24.67 -9.25 0.52
C LYS B 36 -25.04 -7.76 0.50
N ASP B 37 -24.58 -7.06 -0.56
N ASP B 37 -24.61 -7.04 -0.54
CA ASP B 37 -24.74 -5.63 -0.75
CA ASP B 37 -24.85 -5.61 -0.64
C ASP B 37 -26.05 -5.31 -1.49
C ASP B 37 -26.03 -5.33 -1.57
N GLY B 38 -26.91 -6.32 -1.72
CA GLY B 38 -28.12 -6.14 -2.53
C GLY B 38 -27.90 -6.49 -3.99
N GLY B 39 -26.79 -7.15 -4.32
CA GLY B 39 -26.55 -7.56 -5.70
C GLY B 39 -27.73 -8.33 -6.30
N TYR B 40 -28.02 -8.06 -7.59
CA TYR B 40 -29.01 -8.76 -8.38
C TYR B 40 -30.43 -8.40 -7.98
N GLN B 41 -30.63 -7.58 -6.96
CA GLN B 41 -31.97 -7.18 -6.58
C GLN B 41 -32.56 -6.20 -7.59
N ALA B 42 -31.71 -5.39 -8.22
CA ALA B 42 -32.19 -4.52 -9.29
C ALA B 42 -32.69 -5.34 -10.48
N LEU B 43 -31.95 -6.41 -10.83
CA LEU B 43 -32.43 -7.33 -11.85
C LEU B 43 -33.81 -7.88 -11.49
N GLU B 44 -33.94 -8.40 -10.26
CA GLU B 44 -35.22 -8.97 -9.85
C GLU B 44 -36.34 -7.93 -9.99
N LYS B 45 -36.07 -6.68 -9.60
CA LYS B 45 -37.03 -5.58 -9.80
C LYS B 45 -37.31 -5.38 -11.29
N ALA B 46 -36.25 -5.37 -12.11
CA ALA B 46 -36.35 -5.12 -13.55
C ALA B 46 -37.24 -6.18 -14.23
N LEU B 47 -37.11 -7.43 -13.79
CA LEU B 47 -37.87 -8.52 -14.39
C LEU B 47 -39.36 -8.42 -14.04
N ASN B 48 -39.70 -7.64 -13.01
CA ASN B 48 -41.08 -7.37 -12.69
C ASN B 48 -41.57 -6.09 -13.36
N MET B 49 -40.75 -5.48 -14.21
CA MET B 49 -41.12 -4.30 -14.97
C MET B 49 -41.21 -4.69 -16.44
N SER B 50 -41.92 -3.86 -17.22
CA SER B 50 -41.95 -4.04 -18.66
C SER B 50 -40.63 -3.54 -19.24
N PRO B 51 -40.12 -4.14 -20.34
CA PRO B 51 -38.97 -3.58 -21.05
C PRO B 51 -39.13 -2.09 -21.36
N GLU B 52 -40.35 -1.69 -21.75
CA GLU B 52 -40.65 -0.31 -22.11
C GLU B 52 -40.40 0.61 -20.91
N GLU B 53 -40.80 0.16 -19.71
CA GLU B 53 -40.59 0.97 -18.54
C GLU B 53 -39.10 1.09 -18.24
N ILE B 54 -38.33 0.01 -18.41
CA ILE B 54 -36.91 0.08 -18.13
C ILE B 54 -36.26 1.10 -19.04
N ILE B 55 -36.62 1.06 -20.34
CA ILE B 55 -36.06 1.99 -21.31
C ILE B 55 -36.41 3.41 -20.88
N ASP B 56 -37.66 3.60 -20.46
CA ASP B 56 -38.11 4.91 -20.03
C ASP B 56 -37.25 5.44 -18.87
N TRP B 57 -36.97 4.60 -17.86
CA TRP B 57 -36.19 5.04 -16.71
C TRP B 57 -34.77 5.39 -17.13
N VAL B 58 -34.21 4.55 -18.00
CA VAL B 58 -32.85 4.79 -18.45
C VAL B 58 -32.80 6.09 -19.26
N ASP B 59 -33.80 6.33 -20.09
CA ASP B 59 -33.91 7.60 -20.80
C ASP B 59 -33.95 8.76 -19.82
N LYS B 60 -34.89 8.69 -18.86
CA LYS B 60 -35.15 9.80 -17.95
C LYS B 60 -33.97 10.04 -17.02
N SER B 61 -33.09 9.06 -16.84
CA SER B 61 -31.90 9.19 -16.01
C SER B 61 -30.88 10.14 -16.62
N THR B 62 -30.96 10.33 -17.96
CA THR B 62 -30.06 11.14 -18.77
C THR B 62 -28.71 10.45 -18.98
N LEU B 63 -28.60 9.17 -18.63
CA LEU B 63 -27.36 8.42 -18.86
C LEU B 63 -26.91 8.56 -20.30
N ARG B 64 -25.64 8.94 -20.49
CA ARG B 64 -25.01 9.01 -21.80
C ARG B 64 -23.86 8.02 -21.87
N GLY B 65 -23.59 7.54 -23.09
CA GLY B 65 -22.54 6.58 -23.36
C GLY B 65 -21.19 7.03 -22.80
N ARG B 66 -20.51 6.10 -22.11
CA ARG B 66 -19.22 6.36 -21.47
C ARG B 66 -18.05 5.91 -22.34
N GLY B 67 -18.34 5.52 -23.58
CA GLY B 67 -17.32 4.99 -24.47
C GLY B 67 -16.65 6.09 -25.30
N GLY B 68 -17.08 7.35 -25.12
CA GLY B 68 -16.38 8.48 -25.72
C GLY B 68 -17.31 9.42 -26.49
N ALA B 69 -18.44 8.91 -26.98
CA ALA B 69 -19.27 9.72 -27.87
C ALA B 69 -20.44 10.37 -27.11
N GLY B 70 -20.80 9.84 -25.94
CA GLY B 70 -21.83 10.47 -25.12
C GLY B 70 -23.23 10.40 -25.72
N PHE B 71 -23.56 9.35 -26.48
CA PHE B 71 -24.90 9.21 -27.03
C PHE B 71 -25.89 8.79 -25.94
N PRO B 72 -27.09 9.40 -25.86
CA PRO B 72 -28.04 9.03 -24.82
C PRO B 72 -28.45 7.56 -24.87
N THR B 73 -28.24 6.85 -23.76
CA THR B 73 -28.36 5.40 -23.75
C THR B 73 -29.82 4.97 -23.98
N GLY B 74 -30.74 5.59 -23.26
CA GLY B 74 -32.15 5.25 -23.40
C GLY B 74 -32.61 5.42 -24.85
N LYS B 75 -32.18 6.52 -25.48
CA LYS B 75 -32.54 6.82 -26.86
C LYS B 75 -32.02 5.71 -27.78
N LYS B 76 -30.78 5.28 -27.55
CA LYS B 76 -30.19 4.20 -28.33
C LYS B 76 -31.06 2.94 -28.22
N TRP B 77 -31.46 2.61 -26.99
CA TRP B 77 -32.23 1.39 -26.75
C TRP B 77 -33.58 1.48 -27.46
N LYS B 78 -34.20 2.67 -27.39
CA LYS B 78 -35.49 2.93 -27.98
C LYS B 78 -35.39 2.67 -29.49
N PHE B 79 -34.31 3.15 -30.11
CA PHE B 79 -34.12 2.97 -31.54
C PHE B 79 -34.06 1.48 -31.90
N ALA B 80 -33.37 0.67 -31.09
CA ALA B 80 -33.23 -0.74 -31.37
C ALA B 80 -34.59 -1.45 -31.36
N VAL B 81 -35.47 -1.09 -30.41
CA VAL B 81 -36.69 -1.87 -30.20
C VAL B 81 -37.80 -1.45 -31.17
N GLN B 82 -37.55 -0.39 -31.96
CA GLN B 82 -38.46 0.00 -33.03
C GLN B 82 -38.28 -0.96 -34.22
N ASN B 83 -37.20 -1.75 -34.21
CA ASN B 83 -36.88 -2.64 -35.31
C ASN B 83 -37.19 -4.08 -34.93
N PRO B 84 -37.69 -4.90 -35.88
CA PRO B 84 -38.05 -6.28 -35.57
C PRO B 84 -36.84 -7.10 -35.12
N GLY B 85 -37.10 -8.00 -34.17
CA GLY B 85 -36.06 -8.87 -33.64
C GLY B 85 -35.73 -10.03 -34.58
N PRO B 86 -34.82 -10.95 -34.18
CA PRO B 86 -34.19 -10.90 -32.87
C PRO B 86 -33.17 -9.78 -32.76
N ARG B 87 -32.78 -9.46 -31.53
CA ARG B 87 -31.86 -8.37 -31.26
C ARG B 87 -30.73 -8.89 -30.38
N TYR B 88 -29.60 -8.18 -30.44
CA TYR B 88 -28.41 -8.57 -29.73
C TYR B 88 -27.95 -7.41 -28.85
N PHE B 89 -27.34 -7.76 -27.73
CA PHE B 89 -26.77 -6.79 -26.82
C PHE B 89 -25.28 -7.10 -26.73
N ILE B 90 -24.47 -6.04 -26.85
CA ILE B 90 -23.02 -6.17 -26.77
C ILE B 90 -22.45 -5.17 -25.77
N CYS B 91 -21.64 -5.72 -24.86
CA CYS B 91 -20.83 -4.93 -23.94
C CYS B 91 -19.45 -4.74 -24.54
N ASN B 92 -19.10 -3.49 -24.80
CA ASN B 92 -17.80 -3.12 -25.34
C ASN B 92 -16.78 -3.00 -24.22
N ALA B 93 -15.92 -4.00 -24.11
CA ALA B 93 -14.83 -4.00 -23.13
C ALA B 93 -13.47 -4.00 -23.85
N ASP B 94 -13.40 -3.27 -24.96
CA ASP B 94 -12.17 -3.27 -25.73
C ASP B 94 -11.15 -2.25 -25.20
N GLU B 95 -11.56 -1.33 -24.32
CA GLU B 95 -10.73 -0.29 -23.71
C GLU B 95 -9.24 -0.37 -24.08
N SER B 96 -8.83 0.36 -25.12
CA SER B 96 -7.46 0.38 -25.61
C SER B 96 -6.91 1.78 -25.92
N GLU B 97 -7.66 2.84 -25.62
CA GLU B 97 -7.12 4.16 -25.86
C GLU B 97 -6.06 4.50 -24.82
N PRO B 98 -4.90 5.09 -25.22
CA PRO B 98 -3.87 5.49 -24.27
C PRO B 98 -4.45 6.31 -23.13
N GLY B 99 -4.05 5.90 -21.93
CA GLY B 99 -4.44 6.57 -20.70
C GLY B 99 -5.70 5.97 -20.07
N THR B 100 -6.46 5.16 -20.82
CA THR B 100 -7.80 4.75 -20.36
C THR B 100 -7.77 3.37 -19.71
N PHE B 101 -8.08 3.32 -18.41
CA PHE B 101 -8.06 2.07 -17.65
C PHE B 101 -9.20 2.04 -16.64
N LYS B 102 -10.28 2.75 -16.94
CA LYS B 102 -11.44 2.84 -16.06
C LYS B 102 -12.26 1.54 -16.11
N ASP B 103 -12.43 0.96 -17.29
CA ASP B 103 -13.36 -0.15 -17.47
C ASP B 103 -12.83 -1.41 -16.78
N ARG B 104 -11.51 -1.62 -16.83
CA ARG B 104 -10.95 -2.86 -16.34
C ARG B 104 -11.19 -3.02 -14.84
N ILE B 105 -11.24 -1.92 -14.06
CA ILE B 105 -11.33 -2.12 -12.63
C ILE B 105 -12.75 -2.60 -12.29
N ILE B 106 -13.78 -2.26 -13.08
CA ILE B 106 -15.11 -2.83 -12.85
C ILE B 106 -15.06 -4.31 -13.20
N ILE B 107 -14.48 -4.61 -14.37
CA ILE B 107 -14.44 -5.98 -14.86
C ILE B 107 -13.73 -6.89 -13.87
N GLU B 108 -12.54 -6.45 -13.42
CA GLU B 108 -11.67 -7.31 -12.64
C GLU B 108 -12.08 -7.39 -11.17
N ARG B 109 -12.77 -6.36 -10.67
CA ARG B 109 -13.01 -6.28 -9.23
C ARG B 109 -14.48 -6.50 -8.87
N ASP B 110 -15.40 -6.09 -9.75
CA ASP B 110 -16.82 -6.13 -9.46
C ASP B 110 -17.57 -6.62 -10.68
N PRO B 111 -17.19 -7.78 -11.22
CA PRO B 111 -17.75 -8.25 -12.49
C PRO B 111 -19.27 -8.36 -12.46
N HIS B 112 -19.84 -8.68 -11.29
CA HIS B 112 -21.29 -8.82 -11.19
C HIS B 112 -22.05 -7.52 -11.40
N LEU B 113 -21.45 -6.39 -11.07
CA LEU B 113 -22.08 -5.12 -11.37
C LEU B 113 -22.31 -4.97 -12.87
N LEU B 114 -21.32 -5.41 -13.66
CA LEU B 114 -21.44 -5.37 -15.11
C LEU B 114 -22.43 -6.41 -15.59
N ILE B 115 -22.35 -7.63 -15.04
CA ILE B 115 -23.22 -8.70 -15.50
C ILE B 115 -24.67 -8.36 -15.21
N GLU B 116 -24.94 -7.84 -14.01
CA GLU B 116 -26.28 -7.44 -13.66
C GLU B 116 -26.80 -6.42 -14.68
N GLY B 117 -25.97 -5.42 -14.99
CA GLY B 117 -26.33 -4.42 -15.98
C GLY B 117 -26.63 -5.04 -17.34
N ILE B 118 -25.82 -6.01 -17.76
CA ILE B 118 -26.00 -6.64 -19.06
C ILE B 118 -27.35 -7.35 -19.11
N ILE B 119 -27.72 -8.08 -18.05
CA ILE B 119 -28.99 -8.80 -18.04
C ILE B 119 -30.15 -7.82 -18.11
N ILE B 120 -30.11 -6.75 -17.31
CA ILE B 120 -31.20 -5.80 -17.32
C ILE B 120 -31.33 -5.19 -18.72
N SER B 121 -30.18 -4.81 -19.29
CA SER B 121 -30.15 -4.11 -20.55
C SER B 121 -30.71 -5.03 -21.65
N SER B 122 -30.32 -6.32 -21.59
CA SER B 122 -30.71 -7.31 -22.57
C SER B 122 -32.22 -7.52 -22.49
N TYR B 123 -32.74 -7.61 -21.27
CA TYR B 123 -34.16 -7.73 -21.04
C TYR B 123 -34.90 -6.53 -21.65
N ALA B 124 -34.37 -5.32 -21.41
CA ALA B 124 -35.00 -4.09 -21.89
C ALA B 124 -35.17 -4.08 -23.41
N ILE B 125 -34.22 -4.64 -24.15
CA ILE B 125 -34.25 -4.54 -25.61
C ILE B 125 -34.70 -5.87 -26.23
N GLY B 126 -35.01 -6.86 -25.39
CA GLY B 126 -35.51 -8.14 -25.85
C GLY B 126 -34.45 -9.00 -26.51
N ALA B 127 -33.19 -8.82 -26.10
CA ALA B 127 -32.10 -9.64 -26.59
C ALA B 127 -31.95 -10.88 -25.71
N ASN B 128 -31.90 -12.06 -26.36
CA ASN B 128 -31.72 -13.34 -25.65
C ASN B 128 -30.26 -13.83 -25.75
N GLU B 129 -29.42 -13.07 -26.47
N GLU B 129 -29.45 -13.11 -26.53
CA GLU B 129 -28.03 -13.38 -26.71
CA GLU B 129 -28.03 -13.38 -26.62
C GLU B 129 -27.24 -12.10 -26.51
C GLU B 129 -27.29 -12.07 -26.44
N ALA B 130 -26.31 -12.09 -25.54
CA ALA B 130 -25.48 -10.92 -25.25
C ALA B 130 -24.02 -11.32 -25.35
N TYR B 131 -23.17 -10.32 -25.58
CA TYR B 131 -21.74 -10.54 -25.72
C TYR B 131 -20.98 -9.52 -24.90
N ILE B 132 -19.87 -9.98 -24.32
CA ILE B 132 -18.82 -9.09 -23.87
C ILE B 132 -17.65 -9.28 -24.80
N TYR B 133 -17.22 -8.20 -25.44
CA TYR B 133 -16.01 -8.23 -26.25
C TYR B 133 -14.92 -7.53 -25.43
N ILE B 134 -13.98 -8.33 -24.91
CA ILE B 134 -12.89 -7.82 -24.09
C ILE B 134 -11.58 -7.92 -24.84
N ARG B 135 -10.77 -6.86 -24.73
CA ARG B 135 -9.50 -6.86 -25.44
C ARG B 135 -8.66 -8.06 -25.02
N GLY B 136 -7.83 -8.54 -25.96
CA GLY B 136 -7.00 -9.70 -25.73
C GLY B 136 -5.93 -9.48 -24.67
N GLU B 137 -5.52 -8.23 -24.44
CA GLU B 137 -4.50 -7.92 -23.43
C GLU B 137 -5.08 -7.74 -22.02
N TYR B 138 -6.38 -8.09 -21.82
CA TYR B 138 -6.98 -8.23 -20.52
C TYR B 138 -7.31 -9.69 -20.24
N PRO B 139 -6.32 -10.60 -20.14
CA PRO B 139 -6.60 -12.01 -19.91
C PRO B 139 -7.23 -12.28 -18.55
N ALA B 140 -6.78 -11.56 -17.51
CA ALA B 140 -7.38 -11.78 -16.20
C ALA B 140 -8.86 -11.40 -16.23
N GLY B 141 -9.20 -10.26 -16.84
CA GLY B 141 -10.57 -9.81 -16.98
C GLY B 141 -11.42 -10.88 -17.68
N TYR B 142 -10.85 -11.51 -18.72
CA TYR B 142 -11.56 -12.54 -19.45
C TYR B 142 -11.91 -13.71 -18.51
N TYR B 143 -10.92 -14.26 -17.79
CA TYR B 143 -11.16 -15.41 -16.93
C TYR B 143 -12.09 -15.03 -15.77
N ILE B 144 -11.93 -13.83 -15.25
CA ILE B 144 -12.78 -13.36 -14.16
C ILE B 144 -14.24 -13.29 -14.62
N LEU B 145 -14.46 -12.79 -15.83
CA LEU B 145 -15.80 -12.69 -16.37
C LEU B 145 -16.40 -14.08 -16.62
N ARG B 146 -15.61 -14.99 -17.20
CA ARG B 146 -16.14 -16.31 -17.52
C ARG B 146 -16.61 -16.95 -16.21
N ASP B 147 -15.81 -16.81 -15.16
CA ASP B 147 -16.14 -17.45 -13.90
C ASP B 147 -17.35 -16.77 -13.29
N ALA B 148 -17.45 -15.44 -13.41
CA ALA B 148 -18.56 -14.72 -12.79
C ALA B 148 -19.87 -15.05 -13.50
N ILE B 149 -19.81 -15.27 -14.81
CA ILE B 149 -20.99 -15.65 -15.57
C ILE B 149 -21.46 -17.03 -15.09
N GLU B 150 -20.51 -17.95 -14.85
CA GLU B 150 -20.87 -19.26 -14.32
C GLU B 150 -21.54 -19.13 -12.97
N GLU B 151 -21.00 -18.25 -12.09
CA GLU B 151 -21.59 -18.01 -10.79
C GLU B 151 -23.05 -17.54 -10.92
N ALA B 152 -23.29 -16.59 -11.83
CA ALA B 152 -24.60 -16.04 -12.08
C ALA B 152 -25.55 -17.12 -12.60
N LYS B 153 -25.07 -18.01 -13.47
CA LYS B 153 -25.86 -19.13 -13.95
C LYS B 153 -26.28 -20.03 -12.80
N LYS B 154 -25.32 -20.37 -11.93
CA LYS B 154 -25.58 -21.29 -10.83
C LYS B 154 -26.63 -20.69 -9.88
N LYS B 155 -26.66 -19.37 -9.73
CA LYS B 155 -27.64 -18.72 -8.86
C LYS B 155 -28.95 -18.40 -9.59
N GLY B 156 -29.06 -18.79 -10.86
CA GLY B 156 -30.32 -18.67 -11.59
C GLY B 156 -30.56 -17.29 -12.20
N PHE B 157 -29.50 -16.49 -12.36
CA PHE B 157 -29.62 -15.17 -12.96
C PHE B 157 -29.45 -15.19 -14.47
N LEU B 158 -28.94 -16.30 -15.00
CA LEU B 158 -28.77 -16.51 -16.44
C LEU B 158 -29.36 -17.85 -16.81
N GLY B 159 -29.60 -18.04 -18.12
CA GLY B 159 -30.15 -19.28 -18.62
C GLY B 159 -31.57 -19.10 -19.11
N LYS B 160 -32.33 -20.18 -19.15
CA LYS B 160 -33.71 -20.13 -19.61
C LYS B 160 -34.62 -19.70 -18.47
N ASN B 161 -35.64 -18.91 -18.79
CA ASN B 161 -36.73 -18.62 -17.86
C ASN B 161 -36.15 -18.11 -16.54
N ILE B 162 -35.39 -17.02 -16.61
CA ILE B 162 -34.66 -16.47 -15.48
C ILE B 162 -35.65 -16.02 -14.40
N LEU B 163 -35.55 -16.66 -13.21
CA LEU B 163 -36.39 -16.38 -12.06
C LEU B 163 -37.87 -16.42 -12.40
N GLY B 164 -38.28 -17.38 -13.24
CA GLY B 164 -39.68 -17.57 -13.57
C GLY B 164 -40.25 -16.47 -14.46
N SER B 165 -39.40 -15.65 -15.08
CA SER B 165 -39.85 -14.49 -15.85
C SER B 165 -40.25 -14.84 -17.28
N GLY B 166 -39.79 -15.99 -17.77
CA GLY B 166 -39.92 -16.34 -19.18
C GLY B 166 -38.87 -15.70 -20.08
N PHE B 167 -37.96 -14.93 -19.47
CA PHE B 167 -36.87 -14.29 -20.20
C PHE B 167 -35.64 -15.19 -20.19
N ASP B 168 -35.10 -15.45 -21.40
CA ASP B 168 -33.92 -16.28 -21.59
C ASP B 168 -32.72 -15.42 -21.94
N LEU B 169 -31.54 -15.76 -21.40
CA LEU B 169 -30.34 -15.03 -21.77
C LEU B 169 -29.10 -15.90 -21.58
N GLU B 170 -28.20 -15.86 -22.58
CA GLU B 170 -26.83 -16.37 -22.44
C GLU B 170 -25.91 -15.19 -22.74
N ILE B 171 -24.80 -15.10 -21.99
CA ILE B 171 -23.78 -14.09 -22.19
C ILE B 171 -22.51 -14.81 -22.62
N TYR B 172 -22.02 -14.47 -23.81
CA TYR B 172 -20.81 -15.05 -24.39
C TYR B 172 -19.69 -14.04 -24.23
N VAL B 173 -18.50 -14.51 -23.91
CA VAL B 173 -17.34 -13.63 -23.77
C VAL B 173 -16.39 -13.93 -24.92
N ALA B 174 -16.17 -12.89 -25.74
CA ALA B 174 -15.24 -12.94 -26.86
C ALA B 174 -13.99 -12.15 -26.49
N ARG B 175 -12.87 -12.51 -27.10
CA ARG B 175 -11.60 -11.86 -26.84
C ARG B 175 -11.10 -11.20 -28.12
N GLY B 176 -10.56 -9.99 -27.97
CA GLY B 176 -9.86 -9.31 -29.04
C GLY B 176 -8.48 -9.92 -29.20
N ALA B 177 -7.69 -9.38 -30.14
CA ALA B 177 -6.37 -9.93 -30.40
C ALA B 177 -5.40 -8.87 -30.92
N GLY B 178 -5.57 -7.62 -30.44
CA GLY B 178 -4.51 -6.61 -30.53
C GLY B 178 -4.88 -5.35 -31.30
N ALA B 179 -6.14 -5.19 -31.69
CA ALA B 179 -6.49 -4.09 -32.57
C ALA B 179 -7.34 -3.06 -31.82
N TYR B 180 -6.81 -1.83 -31.68
CA TYR B 180 -7.58 -0.77 -31.08
C TYR B 180 -8.89 -0.49 -31.82
N ILE B 181 -8.88 -0.71 -33.14
CA ILE B 181 -10.01 -0.38 -33.99
C ILE B 181 -11.18 -1.27 -33.63
N CYS B 182 -10.93 -2.44 -33.02
CA CYS B 182 -12.04 -3.32 -32.63
C CYS B 182 -12.85 -2.81 -31.46
N GLY B 183 -12.49 -1.64 -30.92
CA GLY B 183 -13.36 -0.90 -30.02
C GLY B 183 -14.40 -0.06 -30.75
N GLU B 184 -14.16 0.22 -32.03
CA GLU B 184 -15.18 0.90 -32.82
C GLU B 184 -16.31 -0.11 -33.02
N GLU B 185 -17.54 0.29 -32.72
CA GLU B 185 -18.62 -0.68 -32.56
C GLU B 185 -18.82 -1.57 -33.80
N THR B 186 -18.69 -1.04 -35.03
CA THR B 186 -18.95 -1.85 -36.21
C THR B 186 -17.79 -2.79 -36.45
N ALA B 187 -16.56 -2.36 -36.17
CA ALA B 187 -15.42 -3.26 -36.31
C ALA B 187 -15.49 -4.37 -35.26
N LEU B 188 -15.98 -4.01 -34.06
CA LEU B 188 -16.18 -4.99 -33.01
C LEU B 188 -17.13 -6.09 -33.49
N ILE B 189 -18.25 -5.66 -34.10
CA ILE B 189 -19.24 -6.60 -34.60
C ILE B 189 -18.60 -7.46 -35.70
N GLU B 190 -17.82 -6.86 -36.60
CA GLU B 190 -17.14 -7.65 -37.61
C GLU B 190 -16.24 -8.70 -36.97
N SER B 191 -15.54 -8.34 -35.87
CA SER B 191 -14.67 -9.26 -35.16
C SER B 191 -15.49 -10.36 -34.50
N LEU B 192 -16.65 -10.00 -33.95
CA LEU B 192 -17.54 -10.99 -33.37
C LEU B 192 -18.03 -11.97 -34.42
N GLU B 193 -18.13 -11.55 -35.69
CA GLU B 193 -18.58 -12.37 -36.79
C GLU B 193 -17.42 -13.20 -37.36
N GLY B 194 -16.26 -13.11 -36.72
CA GLY B 194 -15.11 -13.93 -37.07
C GLY B 194 -14.27 -13.36 -38.20
N LYS B 195 -14.34 -12.04 -38.39
CA LYS B 195 -13.60 -11.35 -39.45
C LYS B 195 -12.59 -10.34 -38.91
N ARG B 196 -11.84 -9.75 -39.86
CA ARG B 196 -11.00 -8.61 -39.55
C ARG B 196 -11.86 -7.46 -39.02
N GLY B 197 -11.24 -6.65 -38.16
CA GLY B 197 -11.91 -5.51 -37.53
C GLY B 197 -11.88 -4.29 -38.46
N HIS B 198 -12.73 -4.32 -39.47
CA HIS B 198 -12.89 -3.24 -40.43
C HIS B 198 -14.21 -2.54 -40.17
N PRO B 199 -14.20 -1.26 -39.72
CA PRO B 199 -15.45 -0.52 -39.58
C PRO B 199 -16.28 -0.52 -40.87
N ARG B 200 -17.60 -0.49 -40.63
CA ARG B 200 -18.58 -0.39 -41.70
C ARG B 200 -19.03 1.06 -41.83
N LEU B 201 -19.48 1.42 -43.03
CA LEU B 201 -20.09 2.71 -43.27
C LEU B 201 -21.33 2.82 -42.38
N LYS B 202 -21.43 3.95 -41.66
CA LYS B 202 -22.53 4.26 -40.77
C LYS B 202 -23.10 5.61 -41.20
N PRO B 203 -24.44 5.79 -41.29
CA PRO B 203 -25.42 4.73 -41.07
C PRO B 203 -25.33 3.69 -42.17
N PRO B 204 -25.96 2.49 -42.02
CA PRO B 204 -26.81 2.19 -40.86
C PRO B 204 -26.10 2.06 -39.52
N TYR B 205 -26.79 2.44 -38.45
CA TYR B 205 -26.27 2.25 -37.10
C TYR B 205 -26.55 0.81 -36.69
N PRO B 206 -25.77 0.25 -35.74
CA PRO B 206 -25.99 -1.13 -35.28
C PRO B 206 -27.41 -1.42 -34.82
N VAL B 207 -28.09 -0.41 -34.28
CA VAL B 207 -29.43 -0.62 -33.73
C VAL B 207 -30.39 -0.96 -34.87
N GLN B 208 -30.02 -0.61 -36.11
CA GLN B 208 -30.79 -0.99 -37.28
C GLN B 208 -30.22 -2.27 -37.87
N LYS B 209 -28.91 -2.28 -38.13
CA LYS B 209 -28.24 -3.40 -38.76
C LYS B 209 -26.89 -3.60 -38.09
N GLY B 210 -26.80 -4.69 -37.32
CA GLY B 210 -25.64 -4.93 -36.48
C GLY B 210 -25.10 -6.34 -36.69
N LEU B 211 -25.05 -7.11 -35.58
CA LEU B 211 -24.57 -8.48 -35.66
C LEU B 211 -25.51 -9.32 -36.50
N TRP B 212 -24.98 -9.98 -37.52
CA TRP B 212 -25.74 -10.78 -38.46
C TRP B 212 -26.83 -9.92 -39.11
N GLY B 213 -26.60 -8.61 -39.15
CA GLY B 213 -27.48 -7.64 -39.79
C GLY B 213 -28.75 -7.37 -38.97
N LYS B 214 -28.77 -7.81 -37.72
CA LYS B 214 -29.92 -7.64 -36.85
C LYS B 214 -29.72 -6.45 -35.93
N PRO B 215 -30.81 -5.88 -35.38
CA PRO B 215 -30.71 -4.78 -34.41
C PRO B 215 -29.81 -5.19 -33.27
N THR B 216 -28.83 -4.33 -33.00
CA THR B 216 -27.79 -4.59 -32.03
C THR B 216 -27.50 -3.31 -31.26
N VAL B 217 -27.53 -3.41 -29.92
CA VAL B 217 -27.09 -2.35 -29.05
C VAL B 217 -25.68 -2.66 -28.58
N VAL B 218 -24.76 -1.72 -28.85
CA VAL B 218 -23.44 -1.74 -28.27
C VAL B 218 -23.38 -0.65 -27.20
N ASN B 219 -22.95 -1.03 -25.99
CA ASN B 219 -22.68 -0.07 -24.94
C ASN B 219 -21.37 -0.40 -24.23
N ASN B 220 -20.70 0.66 -23.77
CA ASN B 220 -19.45 0.57 -23.02
C ASN B 220 -19.68 -0.03 -21.64
N VAL B 221 -18.66 -0.70 -21.10
CA VAL B 221 -18.67 -1.28 -19.76
C VAL B 221 -19.21 -0.30 -18.71
N GLU B 222 -18.64 0.91 -18.67
CA GLU B 222 -19.02 1.89 -17.66
C GLU B 222 -20.48 2.32 -17.82
N THR B 223 -20.94 2.47 -19.07
CA THR B 223 -22.34 2.80 -19.29
C THR B 223 -23.22 1.77 -18.60
N ILE B 224 -22.94 0.50 -18.89
CA ILE B 224 -23.77 -0.61 -18.44
C ILE B 224 -23.72 -0.74 -16.91
N ALA B 225 -22.56 -0.42 -16.32
CA ALA B 225 -22.35 -0.45 -14.89
C ALA B 225 -23.25 0.54 -14.13
N ASN B 226 -23.85 1.51 -14.83
CA ASN B 226 -24.80 2.45 -14.26
C ASN B 226 -26.22 1.88 -14.15
N VAL B 227 -26.54 0.83 -14.92
CA VAL B 227 -27.92 0.43 -15.06
C VAL B 227 -28.50 -0.11 -13.76
N ARG B 228 -27.73 -0.89 -12.98
CA ARG B 228 -28.19 -1.37 -11.69
C ARG B 228 -28.71 -0.20 -10.84
N PHE B 229 -27.95 0.90 -10.83
CA PHE B 229 -28.27 2.04 -9.97
C PHE B 229 -29.55 2.73 -10.44
N ILE B 230 -29.73 2.91 -11.74
CA ILE B 230 -30.94 3.54 -12.23
C ILE B 230 -32.17 2.73 -11.81
N ILE B 231 -32.11 1.41 -11.90
CA ILE B 231 -33.26 0.58 -11.49
C ILE B 231 -33.43 0.59 -9.97
N SER B 232 -32.33 0.45 -9.22
CA SER B 232 -32.39 0.38 -7.76
C SER B 232 -32.93 1.69 -7.17
N MET B 233 -32.34 2.83 -7.56
CA MET B 233 -32.64 4.12 -6.95
C MET B 233 -33.88 4.78 -7.59
N GLY B 234 -34.19 4.38 -8.82
CA GLY B 234 -35.11 5.13 -9.66
C GLY B 234 -34.38 6.27 -10.36
N TRP B 235 -34.97 6.77 -11.45
CA TRP B 235 -34.29 7.77 -12.27
C TRP B 235 -34.23 9.13 -11.56
N GLU B 236 -35.24 9.44 -10.73
CA GLU B 236 -35.28 10.73 -10.06
C GLU B 236 -34.07 10.87 -9.13
N GLU B 237 -33.86 9.87 -8.29
CA GLU B 237 -32.76 9.89 -7.33
C GLU B 237 -31.43 9.85 -8.09
N TYR B 238 -31.38 9.10 -9.20
CA TYR B 238 -30.17 9.03 -9.99
C TYR B 238 -29.82 10.42 -10.54
N ARG B 239 -30.81 11.18 -10.97
CA ARG B 239 -30.58 12.52 -11.48
C ARG B 239 -30.18 13.53 -10.40
N TYR B 240 -30.27 13.13 -9.14
CA TYR B 240 -29.86 14.00 -8.05
C TYR B 240 -28.40 13.78 -7.71
N ILE B 241 -27.73 12.85 -8.43
CA ILE B 241 -26.30 12.63 -8.29
C ILE B 241 -25.58 13.64 -9.17
N GLY B 242 -24.79 14.49 -8.54
CA GLY B 242 -23.98 15.47 -9.25
C GLY B 242 -24.84 16.63 -9.75
N PRO B 243 -24.35 17.38 -10.75
CA PRO B 243 -25.07 18.55 -11.26
C PRO B 243 -26.30 18.14 -12.08
N SER B 244 -27.38 18.93 -11.97
CA SER B 244 -28.65 18.59 -12.59
C SER B 244 -28.51 18.41 -14.11
N ASP B 245 -27.61 19.20 -14.72
CA ASP B 245 -27.42 19.18 -16.17
C ASP B 245 -26.66 17.94 -16.64
N TYR B 246 -25.73 17.39 -15.84
CA TYR B 246 -24.94 16.23 -16.25
C TYR B 246 -24.84 15.25 -15.07
N ALA B 247 -25.95 14.53 -14.84
CA ALA B 247 -26.11 13.77 -13.62
C ALA B 247 -25.45 12.40 -13.76
N GLY B 248 -25.07 11.86 -12.60
CA GLY B 248 -24.57 10.50 -12.49
C GLY B 248 -23.10 10.43 -12.07
N PRO B 249 -22.65 9.25 -11.57
CA PRO B 249 -21.23 9.03 -11.31
C PRO B 249 -20.44 8.92 -12.61
N LYS B 250 -19.16 9.29 -12.55
CA LYS B 250 -18.26 9.17 -13.69
C LYS B 250 -16.90 8.68 -13.19
N LEU B 251 -16.27 7.78 -13.96
CA LEU B 251 -14.94 7.31 -13.65
C LEU B 251 -13.91 8.12 -14.43
N PHE B 252 -12.85 8.51 -13.75
CA PHE B 252 -11.80 9.31 -14.35
C PHE B 252 -10.46 8.62 -14.15
N PRO B 253 -9.90 7.97 -15.19
CA PRO B 253 -8.57 7.39 -15.10
C PRO B 253 -7.50 8.46 -15.27
N VAL B 254 -6.72 8.68 -14.19
CA VAL B 254 -5.74 9.76 -14.12
C VAL B 254 -4.35 9.15 -14.09
N SER B 255 -3.45 9.60 -14.98
CA SER B 255 -2.11 9.05 -15.08
C SER B 255 -1.12 10.15 -15.43
N GLY B 256 0.15 9.75 -15.56
CA GLY B 256 1.22 10.69 -15.82
C GLY B 256 1.72 11.30 -14.52
N LYS B 257 1.98 12.60 -14.57
CA LYS B 257 2.82 13.26 -13.59
C LYS B 257 1.99 13.75 -12.42
N VAL B 258 1.17 12.86 -11.84
CA VAL B 258 0.43 13.16 -10.62
C VAL B 258 0.93 12.27 -9.49
N LYS B 259 0.71 12.70 -8.23
CA LYS B 259 1.20 11.96 -7.08
C LYS B 259 0.39 10.68 -6.85
N LYS B 260 -0.91 10.73 -7.15
CA LYS B 260 -1.82 9.61 -6.90
C LYS B 260 -2.51 9.19 -8.19
N PRO B 261 -1.79 8.58 -9.16
CA PRO B 261 -2.43 8.09 -10.37
C PRO B 261 -3.39 6.95 -10.03
N GLY B 262 -4.52 6.88 -10.73
CA GLY B 262 -5.53 5.88 -10.45
C GLY B 262 -6.88 6.28 -11.03
N VAL B 263 -7.93 5.59 -10.60
CA VAL B 263 -9.28 5.82 -11.12
C VAL B 263 -10.10 6.52 -10.04
N TYR B 264 -10.70 7.64 -10.39
CA TYR B 264 -11.52 8.41 -9.47
C TYR B 264 -13.00 8.42 -9.88
N GLU B 265 -13.88 8.05 -8.94
CA GLU B 265 -15.31 8.15 -9.18
C GLU B 265 -15.80 9.47 -8.58
N LEU B 266 -16.22 10.38 -9.46
CA LEU B 266 -16.50 11.75 -9.09
C LEU B 266 -17.71 12.23 -9.86
N PRO B 267 -18.45 13.26 -9.36
CA PRO B 267 -19.51 13.87 -10.16
C PRO B 267 -18.89 14.74 -11.25
N MET B 268 -19.68 15.04 -12.27
CA MET B 268 -19.16 15.63 -13.50
C MET B 268 -19.08 17.16 -13.41
N ASN B 269 -19.43 17.74 -12.27
CA ASN B 269 -19.16 19.15 -12.04
C ASN B 269 -17.75 19.38 -11.46
N THR B 270 -17.05 18.31 -11.12
CA THR B 270 -15.64 18.39 -10.76
C THR B 270 -14.89 19.04 -11.93
N THR B 271 -13.94 19.93 -11.63
CA THR B 271 -13.12 20.54 -12.66
C THR B 271 -11.87 19.69 -12.91
N LEU B 272 -11.27 19.90 -14.08
CA LEU B 272 -9.98 19.30 -14.42
C LEU B 272 -8.94 19.65 -13.34
N ARG B 273 -8.91 20.92 -12.90
CA ARG B 273 -7.99 21.34 -11.84
C ARG B 273 -8.21 20.54 -10.56
N GLU B 274 -9.47 20.36 -10.16
CA GLU B 274 -9.77 19.59 -8.97
C GLU B 274 -9.34 18.13 -9.14
N VAL B 275 -9.58 17.55 -10.32
CA VAL B 275 -9.15 16.17 -10.52
C VAL B 275 -7.67 16.05 -10.19
N ILE B 276 -6.85 16.96 -10.72
CA ILE B 276 -5.40 16.84 -10.63
C ILE B 276 -4.93 17.15 -9.20
N PHE B 277 -5.43 18.25 -8.63
CA PHE B 277 -4.88 18.82 -7.40
C PHE B 277 -5.66 18.41 -6.16
N LYS B 278 -6.99 18.33 -6.25
CA LYS B 278 -7.79 18.00 -5.08
C LYS B 278 -7.78 16.49 -4.86
N TYR B 279 -7.91 15.71 -5.96
CA TYR B 279 -8.10 14.26 -5.85
C TYR B 279 -6.79 13.50 -6.05
N ALA B 280 -6.05 13.80 -7.13
CA ALA B 280 -4.90 13.01 -7.51
C ALA B 280 -3.60 13.50 -6.87
N GLY B 281 -3.72 14.40 -5.88
CA GLY B 281 -2.62 14.78 -5.00
C GLY B 281 -1.66 15.79 -5.60
N GLY B 282 -2.03 16.38 -6.74
CA GLY B 282 -1.18 17.35 -7.38
C GLY B 282 -0.09 16.67 -8.22
N THR B 283 0.90 17.45 -8.64
CA THR B 283 1.88 16.97 -9.60
C THR B 283 3.09 16.39 -8.88
N LEU B 284 3.78 15.47 -9.56
CA LEU B 284 5.07 15.01 -9.12
C LEU B 284 6.03 16.19 -9.05
N GLY B 285 6.68 16.31 -7.89
CA GLY B 285 7.67 17.35 -7.65
C GLY B 285 7.04 18.74 -7.51
N ASN B 286 5.69 18.80 -7.44
CA ASN B 286 4.99 20.07 -7.48
C ASN B 286 5.41 20.90 -8.69
N LYS B 287 5.74 20.23 -9.79
CA LYS B 287 6.09 20.92 -11.02
C LYS B 287 4.81 21.48 -11.63
N LYS B 288 4.95 22.51 -12.47
CA LYS B 288 3.79 23.12 -13.09
C LYS B 288 3.21 22.19 -14.16
N VAL B 289 1.88 22.15 -14.23
CA VAL B 289 1.19 21.47 -15.32
C VAL B 289 1.48 22.18 -16.65
N LYS B 290 1.87 21.40 -17.66
CA LYS B 290 2.10 21.94 -19.00
C LYS B 290 0.90 21.61 -19.90
N ALA B 291 0.46 20.37 -19.84
CA ALA B 291 -0.64 19.94 -20.68
C ALA B 291 -1.32 18.73 -20.05
N VAL B 292 -2.58 18.56 -20.42
CA VAL B 292 -3.34 17.37 -20.16
C VAL B 292 -3.75 16.80 -21.51
N PHE B 293 -3.43 15.54 -21.72
CA PHE B 293 -3.94 14.79 -22.86
C PHE B 293 -5.19 14.06 -22.43
N SER B 294 -6.28 14.31 -23.16
CA SER B 294 -7.52 13.57 -23.02
C SER B 294 -7.38 12.30 -23.87
N GLY B 295 -6.79 11.26 -23.26
CA GLY B 295 -6.34 10.10 -24.03
C GLY B 295 -5.48 10.51 -25.23
N ALA B 296 -5.85 9.98 -26.40
CA ALA B 296 -5.19 10.37 -27.64
C ALA B 296 -6.07 11.32 -28.47
N LEU B 297 -7.04 11.99 -27.82
CA LEU B 297 -8.02 12.80 -28.54
C LEU B 297 -7.72 14.31 -28.50
N ASP B 298 -7.49 14.88 -27.32
CA ASP B 298 -7.42 16.33 -27.17
C ASP B 298 -6.22 16.69 -26.30
N CYS B 299 -5.72 17.90 -26.44
CA CYS B 299 -4.64 18.43 -25.61
C CYS B 299 -5.13 19.73 -25.01
N PHE B 300 -5.22 19.76 -23.68
CA PHE B 300 -5.60 20.95 -22.94
C PHE B 300 -4.32 21.56 -22.35
N SER B 301 -4.21 22.88 -22.44
CA SER B 301 -3.07 23.56 -21.86
C SER B 301 -3.37 23.93 -20.41
N SER B 302 -2.37 24.52 -19.73
CA SER B 302 -2.50 24.90 -18.32
C SER B 302 -3.50 26.04 -18.12
N GLU B 303 -3.88 26.72 -19.21
CA GLU B 303 -4.85 27.79 -19.18
C GLU B 303 -6.28 27.23 -19.24
N GLU B 304 -6.44 25.92 -19.46
CA GLU B 304 -7.76 25.35 -19.62
C GLU B 304 -8.11 24.35 -18.52
N LEU B 305 -7.58 24.53 -17.30
CA LEU B 305 -7.76 23.55 -16.23
C LEU B 305 -9.08 23.78 -15.48
N ASP B 306 -9.71 24.94 -15.64
CA ASP B 306 -10.88 25.24 -14.82
C ASP B 306 -12.18 24.75 -15.48
N ILE B 307 -12.07 23.85 -16.45
CA ILE B 307 -13.22 23.36 -17.18
C ILE B 307 -13.88 22.22 -16.41
N PRO B 308 -15.19 22.02 -16.56
CA PRO B 308 -15.89 20.92 -15.89
C PRO B 308 -15.68 19.61 -16.64
N MET B 309 -15.68 18.49 -15.90
CA MET B 309 -15.46 17.17 -16.45
C MET B 309 -16.79 16.56 -16.91
N ASP B 310 -17.48 17.27 -17.80
CA ASP B 310 -18.83 16.91 -18.22
C ASP B 310 -18.87 16.79 -19.75
N TYR B 311 -20.09 16.61 -20.28
CA TYR B 311 -20.33 16.44 -21.71
C TYR B 311 -20.80 17.76 -22.31
N SER B 312 -20.47 18.89 -21.66
CA SER B 312 -20.85 20.21 -22.15
C SER B 312 -19.91 20.64 -23.28
N PRO B 313 -20.33 21.61 -24.13
CA PRO B 313 -19.45 22.11 -25.19
C PRO B 313 -18.06 22.57 -24.72
N LEU B 314 -17.99 23.27 -23.58
CA LEU B 314 -16.72 23.77 -23.05
C LEU B 314 -16.10 22.78 -22.06
N GLY B 315 -16.75 21.62 -21.86
CA GLY B 315 -16.30 20.66 -20.87
C GLY B 315 -15.21 19.74 -21.43
N PHE B 316 -14.64 18.91 -20.57
CA PHE B 316 -13.52 18.04 -20.94
C PHE B 316 -13.96 17.01 -21.97
N GLY B 317 -15.07 16.34 -21.68
CA GLY B 317 -15.66 15.38 -22.59
C GLY B 317 -14.82 14.12 -22.66
N GLY B 318 -14.74 13.56 -23.87
CA GLY B 318 -14.10 12.28 -24.10
C GLY B 318 -14.61 11.18 -23.17
N THR B 319 -13.68 10.41 -22.62
CA THR B 319 -13.95 9.36 -21.65
C THR B 319 -13.52 9.79 -20.24
N GLY B 320 -13.15 11.06 -20.08
CA GLY B 320 -12.64 11.56 -18.81
C GLY B 320 -11.23 11.05 -18.51
N THR B 321 -10.48 10.64 -19.55
CA THR B 321 -9.10 10.23 -19.41
C THR B 321 -8.20 11.44 -19.26
N VAL B 322 -7.39 11.44 -18.18
CA VAL B 322 -6.55 12.55 -17.78
C VAL B 322 -5.09 12.09 -17.66
N ILE B 323 -4.29 12.43 -18.69
CA ILE B 323 -2.86 12.22 -18.70
C ILE B 323 -2.17 13.56 -18.46
N VAL B 324 -1.41 13.69 -17.37
CA VAL B 324 -0.83 14.96 -17.00
C VAL B 324 0.65 15.02 -17.42
N LEU B 325 0.99 16.06 -18.18
CA LEU B 325 2.37 16.40 -18.51
C LEU B 325 2.77 17.66 -17.75
N THR B 326 3.99 17.68 -17.19
CA THR B 326 4.46 18.84 -16.46
C THR B 326 5.52 19.57 -17.28
N GLU B 327 6.07 20.63 -16.67
CA GLU B 327 6.82 21.67 -17.37
C GLU B 327 8.06 21.15 -18.10
N GLU B 328 8.66 20.04 -17.63
CA GLU B 328 9.86 19.55 -18.29
C GLU B 328 9.54 18.54 -19.40
N ASP B 329 8.27 18.19 -19.62
CA ASP B 329 7.94 17.20 -20.64
C ASP B 329 7.92 17.83 -22.03
N ASP B 330 8.69 17.24 -22.96
CA ASP B 330 8.81 17.75 -24.32
C ASP B 330 7.51 17.49 -25.08
N ILE B 331 6.84 18.54 -25.56
CA ILE B 331 5.53 18.37 -26.18
C ILE B 331 5.65 17.66 -27.54
N VAL B 332 6.77 17.84 -28.22
CA VAL B 332 6.98 17.22 -29.53
C VAL B 332 7.21 15.72 -29.36
N GLU B 333 7.96 15.34 -28.33
CA GLU B 333 8.20 13.95 -28.02
C GLU B 333 6.88 13.26 -27.67
N ALA B 334 6.03 13.96 -26.91
CA ALA B 334 4.74 13.41 -26.55
C ALA B 334 3.85 13.27 -27.78
N ALA B 335 3.89 14.28 -28.65
CA ALA B 335 3.13 14.26 -29.89
C ALA B 335 3.54 13.09 -30.77
N LEU B 336 4.84 12.79 -30.81
CA LEU B 336 5.32 11.66 -31.59
C LEU B 336 4.68 10.36 -31.10
N LYS B 337 4.60 10.19 -29.77
CA LYS B 337 3.98 9.00 -29.19
C LYS B 337 2.52 8.87 -29.62
N ILE B 338 1.79 9.99 -29.68
CA ILE B 338 0.41 9.97 -30.15
C ILE B 338 0.36 9.60 -31.64
N ALA B 339 1.24 10.20 -32.46
CA ALA B 339 1.30 9.83 -33.89
C ALA B 339 1.58 8.35 -34.08
N GLU B 340 2.45 7.78 -33.24
CA GLU B 340 2.85 6.39 -33.33
C GLU B 340 1.65 5.47 -33.07
N PHE B 341 0.79 5.89 -32.14
CA PHE B 341 -0.38 5.09 -31.80
C PHE B 341 -1.29 4.99 -33.03
N TYR B 342 -1.59 6.14 -33.66
CA TYR B 342 -2.50 6.15 -34.80
C TYR B 342 -1.88 5.42 -35.99
N GLU B 343 -0.57 5.56 -36.18
CA GLU B 343 0.14 4.76 -37.18
C GLU B 343 -0.11 3.26 -36.96
N HIS B 344 -0.04 2.81 -35.71
N HIS B 344 -0.04 2.84 -35.71
CA HIS B 344 -0.12 1.40 -35.41
CA HIS B 344 -0.12 1.43 -35.38
C HIS B 344 -1.56 0.88 -35.39
C HIS B 344 -1.54 0.90 -35.58
N GLU B 345 -2.55 1.77 -35.46
CA GLU B 345 -3.94 1.34 -35.28
C GLU B 345 -4.88 1.66 -36.44
N THR B 346 -4.48 2.44 -37.45
CA THR B 346 -5.35 2.58 -38.62
C THR B 346 -5.57 1.21 -39.25
N CYS B 347 -6.82 0.91 -39.63
CA CYS B 347 -7.13 -0.40 -40.20
C CYS B 347 -6.80 -0.41 -41.70
N GLY B 348 -6.63 0.78 -42.31
CA GLY B 348 -6.12 0.93 -43.66
C GLY B 348 -7.14 0.88 -44.81
N GLN B 349 -8.45 0.83 -44.50
CA GLN B 349 -9.49 0.78 -45.52
C GLN B 349 -9.58 2.09 -46.31
N CYS B 350 -9.38 3.21 -45.60
CA CYS B 350 -9.51 4.52 -46.19
C CYS B 350 -8.12 5.06 -46.53
N THR B 351 -7.99 5.67 -47.72
CA THR B 351 -6.66 5.99 -48.22
C THR B 351 -6.00 7.10 -47.40
N PRO B 352 -6.61 8.27 -47.15
CA PRO B 352 -5.96 9.32 -46.39
C PRO B 352 -5.64 8.89 -44.97
N CYS B 353 -6.51 8.09 -44.34
CA CYS B 353 -6.22 7.54 -43.02
C CYS B 353 -5.00 6.61 -43.07
N ARG B 354 -5.04 5.65 -43.98
N ARG B 354 -5.03 5.64 -43.98
CA ARG B 354 -3.95 4.68 -44.13
CA ARG B 354 -3.95 4.68 -44.13
C ARG B 354 -2.62 5.39 -44.34
C ARG B 354 -2.62 5.41 -44.33
N VAL B 355 -2.58 6.32 -45.31
CA VAL B 355 -1.33 6.97 -45.71
C VAL B 355 -0.98 8.06 -44.70
N GLY B 356 -2.01 8.78 -44.25
CA GLY B 356 -1.83 9.92 -43.38
C GLY B 356 -1.32 9.52 -41.99
N CYS B 357 -1.90 8.49 -41.38
CA CYS B 357 -1.44 8.04 -40.06
C CYS B 357 0.01 7.58 -40.14
N TYR B 358 0.34 6.90 -41.25
CA TYR B 358 1.70 6.45 -41.45
C TYR B 358 2.64 7.64 -41.64
N GLU B 359 2.30 8.59 -42.52
CA GLU B 359 3.22 9.67 -42.82
C GLU B 359 3.34 10.66 -41.65
N GLN B 360 2.24 10.86 -40.91
CA GLN B 360 2.25 11.75 -39.76
C GLN B 360 3.34 11.30 -38.80
N ALA B 361 3.38 9.99 -38.53
CA ALA B 361 4.36 9.44 -37.60
C ALA B 361 5.78 9.46 -38.17
N ASN B 362 5.90 9.11 -39.45
CA ASN B 362 7.21 8.93 -40.07
C ASN B 362 7.91 10.29 -40.16
N LEU B 363 7.15 11.32 -40.57
CA LEU B 363 7.69 12.66 -40.69
C LEU B 363 7.95 13.26 -39.30
N LEU B 364 7.04 13.03 -38.34
CA LEU B 364 7.21 13.61 -37.02
C LEU B 364 8.46 13.03 -36.36
N GLU B 365 8.76 11.74 -36.64
CA GLU B 365 9.97 11.13 -36.12
C GLU B 365 11.21 11.81 -36.69
N LYS B 366 11.17 12.16 -37.98
CA LYS B 366 12.25 12.90 -38.61
C LYS B 366 12.43 14.26 -37.93
N ILE B 367 11.31 14.95 -37.68
CA ILE B 367 11.35 16.26 -37.06
C ILE B 367 11.99 16.14 -35.67
N TYR B 368 11.52 15.16 -34.90
CA TYR B 368 11.96 14.98 -33.54
C TYR B 368 13.47 14.72 -33.50
N LYS B 369 13.96 13.92 -34.45
CA LYS B 369 15.35 13.49 -34.46
C LYS B 369 16.25 14.52 -35.14
N GLY B 370 15.66 15.59 -35.69
CA GLY B 370 16.42 16.68 -36.29
C GLY B 370 16.94 16.34 -37.68
N GLU B 371 16.21 15.46 -38.39
CA GLU B 371 16.64 14.98 -39.69
C GLU B 371 15.65 15.42 -40.76
N ALA B 372 14.69 16.28 -40.42
CA ALA B 372 13.61 16.61 -41.34
C ALA B 372 14.04 17.74 -42.27
N THR B 373 13.78 17.57 -43.58
CA THR B 373 13.98 18.64 -44.54
C THR B 373 12.88 19.68 -44.40
N GLU B 374 13.07 20.81 -45.07
CA GLU B 374 12.02 21.80 -45.20
C GLU B 374 10.77 21.17 -45.79
N GLN B 375 10.95 20.34 -46.82
N GLN B 375 10.94 20.33 -46.82
CA GLN B 375 9.82 19.65 -47.45
CA GLN B 375 9.80 19.67 -47.45
C GLN B 375 9.10 18.73 -46.45
C GLN B 375 9.11 18.72 -46.47
N ASP B 376 9.88 18.07 -45.58
CA ASP B 376 9.33 17.17 -44.57
C ASP B 376 8.46 17.92 -43.57
N TRP B 377 8.92 19.12 -43.14
CA TRP B 377 8.13 19.97 -42.26
C TRP B 377 6.81 20.38 -42.90
N GLU B 378 6.86 20.87 -44.15
CA GLU B 378 5.64 21.28 -44.84
C GLU B 378 4.73 20.09 -45.11
N GLY B 379 5.31 18.94 -45.45
CA GLY B 379 4.57 17.71 -45.65
C GLY B 379 3.84 17.25 -44.39
N PHE B 380 4.55 17.35 -43.24
CA PHE B 380 4.01 17.00 -41.95
C PHE B 380 2.75 17.85 -41.68
N ASP B 381 2.85 19.15 -41.90
CA ASP B 381 1.72 20.05 -41.67
C ASP B 381 0.55 19.63 -42.57
N PHE B 382 0.84 19.40 -43.85
CA PHE B 382 -0.20 19.00 -44.78
C PHE B 382 -0.85 17.68 -44.38
N VAL B 383 -0.04 16.66 -44.13
CA VAL B 383 -0.57 15.35 -43.81
C VAL B 383 -1.45 15.42 -42.56
N ASN B 384 -0.96 16.12 -41.54
CA ASN B 384 -1.71 16.23 -40.29
C ASN B 384 -3.13 16.76 -40.54
N ARG B 385 -3.29 17.66 -41.52
CA ARG B 385 -4.55 18.32 -41.82
C ARG B 385 -5.41 17.49 -42.77
N ASN B 386 -4.89 16.36 -43.28
CA ASN B 386 -5.55 15.65 -44.37
C ASN B 386 -5.62 14.14 -44.11
N ILE B 387 -5.79 13.74 -42.85
CA ILE B 387 -6.02 12.33 -42.54
C ILE B 387 -7.51 12.00 -42.64
N GLN B 388 -8.38 12.98 -42.33
N GLN B 388 -8.37 12.99 -42.32
CA GLN B 388 -9.81 12.75 -42.16
CA GLN B 388 -9.80 12.79 -42.15
C GLN B 388 -10.55 12.55 -43.49
C GLN B 388 -10.52 12.53 -43.48
N PRO B 389 -10.19 13.20 -44.62
CA PRO B 389 -11.03 13.06 -45.82
C PRO B 389 -11.31 11.61 -46.26
N THR B 390 -12.60 11.35 -46.55
CA THR B 390 -13.17 10.07 -46.98
C THR B 390 -13.20 9.04 -45.83
N SER B 391 -12.74 9.38 -44.62
CA SER B 391 -12.71 8.43 -43.51
C SER B 391 -14.11 7.93 -43.21
N ILE B 392 -14.22 6.65 -42.88
CA ILE B 392 -15.52 6.09 -42.57
C ILE B 392 -15.72 5.90 -41.07
N CYS B 393 -14.67 6.05 -40.26
CA CYS B 393 -14.83 5.96 -38.82
C CYS B 393 -14.07 7.06 -38.09
N GLY B 394 -14.29 7.13 -36.77
CA GLY B 394 -13.76 8.23 -35.96
C GLY B 394 -12.24 8.26 -35.86
N LEU B 395 -11.53 7.16 -36.18
CA LEU B 395 -10.10 7.13 -36.03
C LEU B 395 -9.49 8.13 -37.00
N GLY B 396 -9.94 8.10 -38.28
CA GLY B 396 -9.38 8.98 -39.30
C GLY B 396 -9.74 10.43 -39.00
N ALA B 397 -10.92 10.61 -38.39
CA ALA B 397 -11.41 11.93 -38.06
C ALA B 397 -10.58 12.59 -36.97
N VAL B 398 -9.93 11.83 -36.08
CA VAL B 398 -9.26 12.43 -34.92
C VAL B 398 -7.76 12.16 -34.92
N ALA B 399 -7.20 11.41 -35.88
CA ALA B 399 -5.81 11.03 -35.76
C ALA B 399 -4.86 12.24 -35.77
N GLY B 400 -5.31 13.37 -36.33
CA GLY B 400 -4.50 14.56 -36.38
C GLY B 400 -4.86 15.59 -35.29
N ARG B 401 -5.94 15.32 -34.55
CA ARG B 401 -6.57 16.32 -33.71
C ARG B 401 -5.65 16.82 -32.58
N LEU B 402 -5.22 15.91 -31.71
CA LEU B 402 -4.40 16.24 -30.57
C LEU B 402 -3.12 16.92 -31.06
N ILE B 403 -2.49 16.38 -32.10
CA ILE B 403 -1.23 16.92 -32.59
C ILE B 403 -1.41 18.36 -33.08
N ARG B 404 -2.49 18.60 -33.83
CA ARG B 404 -2.80 19.94 -34.28
C ARG B 404 -2.97 20.88 -33.08
N GLN B 405 -3.69 20.44 -32.03
CA GLN B 405 -3.84 21.29 -30.85
C GLN B 405 -2.47 21.62 -30.23
N THR B 406 -1.50 20.68 -30.24
CA THR B 406 -0.19 20.99 -29.69
C THR B 406 0.52 22.03 -30.56
N LEU B 407 0.31 21.95 -31.88
CA LEU B 407 0.92 22.91 -32.78
C LEU B 407 0.38 24.31 -32.52
N GLU B 408 -0.91 24.41 -32.19
CA GLU B 408 -1.56 25.68 -31.93
C GLU B 408 -1.24 26.21 -30.54
N LYS B 409 -1.08 25.30 -29.56
CA LYS B 409 -1.01 25.68 -28.15
C LYS B 409 0.43 25.84 -27.66
N PHE B 410 1.39 25.18 -28.32
CA PHE B 410 2.79 25.22 -27.92
C PHE B 410 3.67 25.55 -29.13
N PRO B 411 3.42 26.67 -29.83
CA PRO B 411 4.13 26.99 -31.07
C PRO B 411 5.64 27.17 -30.85
N GLU B 412 5.98 27.80 -29.73
CA GLU B 412 7.35 28.09 -29.36
C GLU B 412 8.16 26.79 -29.29
N GLU B 413 7.60 25.71 -28.73
CA GLU B 413 8.33 24.45 -28.61
C GLU B 413 8.54 23.80 -29.97
N TRP B 414 7.52 23.83 -30.83
CA TRP B 414 7.65 23.30 -32.18
C TRP B 414 8.65 24.11 -32.98
N GLU B 415 8.60 25.45 -32.82
CA GLU B 415 9.45 26.36 -33.58
C GLU B 415 10.92 26.01 -33.33
N LYS B 416 11.24 25.59 -32.10
CA LYS B 416 12.62 25.22 -31.77
C LYS B 416 13.04 23.97 -32.54
N TYR B 417 12.09 23.07 -32.85
CA TYR B 417 12.41 21.90 -33.65
C TYR B 417 12.59 22.30 -35.12
N ARG B 418 11.70 23.19 -35.62
CA ARG B 418 11.73 23.67 -36.99
C ARG B 418 13.08 24.29 -37.33
N LYS B 419 13.58 25.17 -36.45
CA LYS B 419 14.87 25.80 -36.66
C LYS B 419 15.95 24.71 -36.67
N LYS C 3 -23.84 23.08 35.01
CA LYS C 3 -24.86 23.51 34.02
C LYS C 3 -25.72 22.30 33.63
N THR C 4 -25.22 21.49 32.70
CA THR C 4 -25.91 20.30 32.24
C THR C 4 -24.91 19.15 32.12
N GLU C 5 -25.42 17.91 32.10
CA GLU C 5 -24.61 16.73 31.84
C GLU C 5 -23.57 17.07 30.77
N PHE C 6 -22.30 16.76 31.05
CA PHE C 6 -21.21 17.05 30.13
C PHE C 6 -21.41 16.25 28.84
N GLU C 7 -21.28 16.94 27.70
CA GLU C 7 -21.34 16.33 26.38
C GLU C 7 -20.07 16.63 25.59
N PHE C 8 -19.60 15.65 24.80
CA PHE C 8 -18.46 15.86 23.94
C PHE C 8 -18.87 16.78 22.78
N PRO C 9 -18.08 17.83 22.45
CA PRO C 9 -18.28 18.57 21.20
C PRO C 9 -18.26 17.58 20.05
N GLU C 10 -19.12 17.81 19.04
CA GLU C 10 -19.34 16.85 17.96
C GLU C 10 -18.02 16.48 17.30
N GLU C 11 -17.13 17.47 17.12
CA GLU C 11 -15.88 17.27 16.41
C GLU C 11 -14.98 16.31 17.19
N LEU C 12 -15.02 16.38 18.53
CA LEU C 12 -14.29 15.43 19.35
C LEU C 12 -15.01 14.09 19.32
N LYS C 13 -16.34 14.12 19.50
CA LYS C 13 -17.15 12.93 19.54
C LYS C 13 -16.95 12.09 18.27
N THR C 14 -16.86 12.74 17.11
CA THR C 14 -16.65 12.06 15.84
C THR C 14 -15.33 11.30 15.86
N LYS C 15 -14.26 11.97 16.33
CA LYS C 15 -12.95 11.34 16.42
C LYS C 15 -13.02 10.15 17.38
N LEU C 16 -13.71 10.31 18.52
CA LEU C 16 -13.78 9.25 19.51
C LEU C 16 -14.48 8.02 18.92
N GLN C 17 -15.55 8.26 18.14
CA GLN C 17 -16.30 7.19 17.52
C GLN C 17 -15.48 6.48 16.46
N GLU C 18 -14.60 7.21 15.76
CA GLU C 18 -13.72 6.62 14.77
C GLU C 18 -12.79 5.62 15.44
N HIS C 19 -12.21 5.99 16.58
CA HIS C 19 -11.33 5.10 17.32
C HIS C 19 -12.12 3.89 17.82
N ILE C 20 -13.30 4.13 18.38
CA ILE C 20 -14.14 3.06 18.90
C ILE C 20 -14.48 2.05 17.80
N ASN C 21 -14.67 2.51 16.56
CA ASN C 21 -15.01 1.63 15.44
C ASN C 21 -13.79 1.01 14.76
N TYR C 22 -12.58 1.41 15.18
CA TYR C 22 -11.36 0.99 14.51
C TYR C 22 -10.99 -0.45 14.87
N PHE C 23 -10.91 -0.75 16.17
CA PHE C 23 -10.59 -2.10 16.60
C PHE C 23 -11.82 -2.99 16.55
N PRO C 24 -11.65 -4.32 16.50
CA PRO C 24 -12.79 -5.24 16.52
C PRO C 24 -13.71 -5.09 17.72
N LYS C 25 -13.14 -4.76 18.91
CA LYS C 25 -13.94 -4.57 20.12
C LYS C 25 -13.83 -3.11 20.56
N LYS C 26 -14.95 -2.53 21.02
CA LYS C 26 -14.98 -1.12 21.37
C LYS C 26 -13.98 -0.82 22.47
N ARG C 27 -13.89 -1.70 23.48
CA ARG C 27 -13.11 -1.40 24.67
C ARG C 27 -11.62 -1.27 24.37
N GLN C 28 -11.17 -1.82 23.24
CA GLN C 28 -9.78 -1.70 22.83
C GLN C 28 -9.37 -0.24 22.55
N ALA C 29 -10.35 0.64 22.29
CA ALA C 29 -10.08 2.01 21.88
C ALA C 29 -9.85 2.96 23.06
N ILE C 30 -9.83 2.42 24.30
CA ILE C 30 -9.84 3.25 25.49
C ILE C 30 -8.64 4.21 25.52
N LEU C 31 -7.44 3.72 25.19
CA LEU C 31 -6.29 4.62 25.28
C LEU C 31 -6.27 5.66 24.16
N LEU C 32 -6.62 5.26 22.94
CA LEU C 32 -6.69 6.19 21.84
C LEU C 32 -7.71 7.28 22.17
N CYS C 33 -8.82 6.89 22.80
CA CYS C 33 -9.85 7.85 23.19
C CYS C 33 -9.30 8.84 24.23
N LEU C 34 -8.60 8.33 25.23
CA LEU C 34 -8.06 9.20 26.27
C LEU C 34 -6.99 10.13 25.73
N HIS C 35 -6.16 9.67 24.79
CA HIS C 35 -5.20 10.57 24.14
C HIS C 35 -5.97 11.67 23.41
N GLU C 36 -7.06 11.30 22.75
CA GLU C 36 -7.82 12.26 21.96
C GLU C 36 -8.41 13.33 22.88
N ILE C 37 -8.97 12.88 24.01
CA ILE C 37 -9.56 13.76 25.00
C ILE C 37 -8.49 14.72 25.55
N GLN C 38 -7.30 14.21 25.88
CA GLN C 38 -6.26 15.06 26.42
C GLN C 38 -5.73 16.04 25.36
N ASN C 39 -5.65 15.59 24.12
CA ASN C 39 -5.29 16.49 23.03
C ASN C 39 -6.27 17.66 22.94
N TYR C 40 -7.57 17.36 23.02
CA TYR C 40 -8.61 18.35 22.82
C TYR C 40 -8.63 19.33 24.00
N TYR C 41 -8.60 18.83 25.23
CA TYR C 41 -8.87 19.66 26.39
C TYR C 41 -7.59 20.22 27.02
N GLY C 42 -6.44 19.60 26.73
CA GLY C 42 -5.20 19.95 27.39
C GLY C 42 -5.02 19.20 28.72
N TYR C 43 -5.90 18.22 28.99
CA TYR C 43 -5.91 17.38 30.18
C TYR C 43 -7.11 16.43 30.05
N ILE C 44 -7.26 15.47 30.98
CA ILE C 44 -8.45 14.61 31.03
C ILE C 44 -9.43 15.24 32.03
N PRO C 45 -10.53 15.89 31.57
CA PRO C 45 -11.53 16.43 32.49
C PRO C 45 -12.22 15.27 33.22
N PRO C 46 -12.25 15.27 34.58
CA PRO C 46 -12.95 14.22 35.34
C PRO C 46 -14.35 13.90 34.84
N GLU C 47 -15.10 14.93 34.45
CA GLU C 47 -16.47 14.79 33.98
C GLU C 47 -16.53 14.15 32.59
N SER C 48 -15.39 14.00 31.90
CA SER C 48 -15.38 13.38 30.57
C SER C 48 -15.47 11.85 30.66
N LEU C 49 -15.21 11.28 31.84
CA LEU C 49 -14.99 9.84 31.92
C LEU C 49 -16.30 9.06 31.86
N LYS C 50 -17.36 9.56 32.49
CA LYS C 50 -18.62 8.82 32.49
C LYS C 50 -19.14 8.66 31.06
N PRO C 51 -19.24 9.75 30.24
CA PRO C 51 -19.68 9.61 28.85
C PRO C 51 -18.73 8.74 28.00
N LEU C 52 -17.43 8.81 28.27
CA LEU C 52 -16.50 7.94 27.56
C LEU C 52 -16.83 6.49 27.88
N ALA C 53 -17.01 6.22 29.18
CA ALA C 53 -17.30 4.89 29.66
C ALA C 53 -18.54 4.35 28.96
N ASP C 54 -19.57 5.18 28.82
CA ASP C 54 -20.77 4.78 28.12
C ASP C 54 -20.47 4.45 26.66
N MET C 55 -19.65 5.27 26.00
CA MET C 55 -19.32 5.03 24.60
C MET C 55 -18.53 3.72 24.46
N LEU C 56 -17.70 3.38 25.47
CA LEU C 56 -16.88 2.17 25.43
C LEU C 56 -17.64 0.95 25.93
N GLU C 57 -18.81 1.17 26.53
CA GLU C 57 -19.60 0.11 27.13
C GLU C 57 -18.80 -0.52 28.26
N LEU C 58 -18.14 0.34 29.05
CA LEU C 58 -17.33 -0.06 30.18
C LEU C 58 -17.88 0.61 31.44
N PRO C 59 -17.75 -0.01 32.63
CA PRO C 59 -18.09 0.69 33.85
C PRO C 59 -17.16 1.89 34.06
N LEU C 60 -17.67 2.94 34.71
CA LEU C 60 -16.88 4.11 34.99
C LEU C 60 -15.63 3.76 35.81
N ASN C 61 -15.76 2.84 36.79
CA ASN C 61 -14.64 2.56 37.67
C ASN C 61 -13.47 1.98 36.86
N HIS C 62 -13.77 1.22 35.80
CA HIS C 62 -12.76 0.66 34.92
C HIS C 62 -12.01 1.80 34.22
N VAL C 63 -12.75 2.77 33.69
CA VAL C 63 -12.12 3.87 32.98
C VAL C 63 -11.26 4.70 33.95
N GLU C 64 -11.79 5.01 35.14
CA GLU C 64 -11.05 5.79 36.12
C GLU C 64 -9.75 5.08 36.47
N GLY C 65 -9.79 3.76 36.65
CA GLY C 65 -8.59 3.00 36.98
C GLY C 65 -7.54 3.07 35.87
N VAL C 66 -8.00 3.07 34.62
CA VAL C 66 -7.12 3.13 33.47
C VAL C 66 -6.44 4.49 33.43
N VAL C 67 -7.22 5.56 33.66
CA VAL C 67 -6.65 6.90 33.63
C VAL C 67 -5.56 7.02 34.68
N ALA C 68 -5.83 6.49 35.88
CA ALA C 68 -4.91 6.56 37.00
C ALA C 68 -3.63 5.80 36.69
N PHE C 69 -3.75 4.70 35.93
CA PHE C 69 -2.64 3.78 35.73
C PHE C 69 -1.60 4.36 34.78
N TYR C 70 -2.06 5.01 33.71
CA TYR C 70 -1.21 5.41 32.60
C TYR C 70 -0.72 6.84 32.81
N ASP C 71 0.62 6.97 32.87
CA ASP C 71 1.28 8.18 33.37
C ASP C 71 1.17 9.35 32.39
N MET C 72 0.90 9.08 31.11
CA MET C 72 0.79 10.16 30.15
C MET C 72 -0.45 11.02 30.43
N PHE C 73 -1.48 10.43 31.05
CA PHE C 73 -2.73 11.12 31.28
C PHE C 73 -2.68 11.95 32.56
N ASP C 74 -3.28 13.14 32.48
CA ASP C 74 -3.23 14.15 33.52
C ASP C 74 -4.65 14.64 33.76
N ARG C 75 -5.17 14.38 34.96
CA ARG C 75 -6.51 14.79 35.33
C ARG C 75 -6.52 16.12 36.09
N GLU C 76 -5.34 16.66 36.42
CA GLU C 76 -5.27 17.78 37.36
C GLU C 76 -4.99 19.11 36.66
N ASP C 77 -4.04 19.14 35.72
CA ASP C 77 -3.57 20.41 35.16
C ASP C 77 -3.81 20.47 33.66
N LYS C 78 -4.55 21.50 33.25
CA LYS C 78 -4.69 21.88 31.85
C LYS C 78 -3.44 22.61 31.38
N ALA C 79 -2.88 22.16 30.25
CA ALA C 79 -1.77 22.85 29.62
C ALA C 79 -1.88 22.72 28.10
N LYS C 80 -1.62 23.82 27.37
CA LYS C 80 -1.67 23.79 25.93
C LYS C 80 -0.51 22.96 25.40
N TYR C 81 0.68 23.17 25.99
CA TYR C 81 1.87 22.44 25.58
C TYR C 81 2.52 21.75 26.78
N ARG C 82 2.65 20.42 26.69
N ARG C 82 2.67 20.42 26.68
CA ARG C 82 3.39 19.64 27.68
CA ARG C 82 3.38 19.64 27.68
C ARG C 82 4.84 19.51 27.21
C ARG C 82 4.83 19.48 27.23
N ILE C 83 5.76 20.02 28.04
CA ILE C 83 7.19 19.88 27.81
C ILE C 83 7.64 18.67 28.61
N ARG C 84 7.76 17.51 27.94
CA ARG C 84 8.16 16.30 28.62
C ARG C 84 9.69 16.25 28.64
N VAL C 85 10.27 16.26 29.84
CA VAL C 85 11.72 16.29 29.99
C VAL C 85 12.18 14.95 30.53
N CYS C 86 13.04 14.25 29.79
CA CYS C 86 13.54 12.97 30.26
C CYS C 86 14.47 13.19 31.45
N VAL C 87 14.22 12.44 32.52
CA VAL C 87 15.02 12.52 33.75
C VAL C 87 15.71 11.19 34.02
N SER C 88 15.75 10.30 33.04
CA SER C 88 16.39 9.01 33.18
C SER C 88 17.89 9.10 32.93
N ILE C 89 18.56 7.95 33.05
CA ILE C 89 20.02 7.86 33.22
C ILE C 89 20.79 8.62 32.13
N VAL C 90 20.50 8.37 30.84
CA VAL C 90 21.38 8.89 29.82
C VAL C 90 21.21 10.41 29.73
N CYS C 91 19.97 10.88 29.76
CA CYS C 91 19.78 12.32 29.72
C CYS C 91 20.39 12.97 30.96
N HIS C 92 20.32 12.29 32.11
CA HIS C 92 20.89 12.84 33.32
C HIS C 92 22.39 13.07 33.11
N LEU C 93 23.09 12.05 32.59
CA LEU C 93 24.53 12.07 32.33
C LEU C 93 24.90 13.21 31.40
N MET C 94 24.04 13.44 30.39
CA MET C 94 24.37 14.33 29.30
C MET C 94 23.81 15.74 29.47
N GLY C 95 22.97 16.00 30.47
CA GLY C 95 22.63 17.39 30.79
C GLY C 95 21.15 17.71 31.09
N THR C 96 20.36 16.77 31.62
CA THR C 96 18.98 17.09 32.01
C THR C 96 18.96 18.35 32.86
N ASN C 97 19.90 18.46 33.81
CA ASN C 97 19.85 19.57 34.75
C ASN C 97 20.04 20.92 34.05
N LYS C 98 20.84 20.95 32.98
CA LYS C 98 21.06 22.18 32.22
C LYS C 98 19.80 22.56 31.45
N LEU C 99 19.11 21.56 30.89
CA LEU C 99 17.82 21.76 30.25
C LEU C 99 16.80 22.32 31.23
N LEU C 100 16.71 21.74 32.43
CA LEU C 100 15.74 22.19 33.43
C LEU C 100 16.07 23.62 33.86
N LYS C 101 17.35 23.96 33.96
CA LYS C 101 17.73 25.32 34.31
C LYS C 101 17.33 26.29 33.21
N ALA C 102 17.59 25.91 31.96
CA ALA C 102 17.26 26.76 30.83
C ALA C 102 15.75 26.97 30.77
N LEU C 103 14.97 25.91 31.04
CA LEU C 103 13.52 26.00 31.07
C LEU C 103 13.06 26.94 32.17
N GLU C 104 13.72 26.89 33.33
CA GLU C 104 13.34 27.76 34.43
C GLU C 104 13.66 29.21 34.08
N ASN C 105 14.83 29.45 33.48
CA ASN C 105 15.19 30.80 33.06
C ASN C 105 14.21 31.35 32.02
N ILE C 106 13.81 30.53 31.04
CA ILE C 106 12.94 31.00 29.99
C ILE C 106 11.51 31.19 30.50
N LEU C 107 10.98 30.20 31.24
CA LEU C 107 9.55 30.07 31.48
C LEU C 107 9.16 30.39 32.92
N GLY C 108 10.12 30.30 33.84
CA GLY C 108 9.89 30.63 35.25
C GLY C 108 9.22 29.49 36.03
N ILE C 109 9.30 28.26 35.52
CA ILE C 109 8.67 27.13 36.17
C ILE C 109 9.63 25.96 36.25
N LYS C 110 9.32 25.06 37.19
CA LYS C 110 10.08 23.86 37.48
C LYS C 110 9.22 22.64 37.12
N PRO C 111 9.80 21.42 37.12
CA PRO C 111 9.00 20.21 36.88
C PRO C 111 7.72 20.13 37.70
N GLY C 112 6.61 19.83 37.01
CA GLY C 112 5.32 19.62 37.64
C GLY C 112 4.47 20.88 37.66
N GLU C 113 5.06 22.02 37.28
CA GLU C 113 4.39 23.31 37.34
C GLU C 113 3.90 23.72 35.95
N VAL C 114 2.87 24.57 35.93
CA VAL C 114 2.30 25.18 34.73
C VAL C 114 2.52 26.69 34.77
N THR C 115 2.87 27.27 33.61
CA THR C 115 2.97 28.72 33.51
C THR C 115 1.60 29.33 33.83
N PRO C 116 1.57 30.55 34.39
CA PRO C 116 0.30 31.15 34.84
C PRO C 116 -0.74 31.32 33.74
N ASP C 117 -0.28 31.36 32.47
CA ASP C 117 -1.14 31.55 31.31
C ASP C 117 -1.72 30.23 30.80
N GLY C 118 -1.36 29.11 31.43
CA GLY C 118 -1.86 27.80 31.03
C GLY C 118 -1.14 27.24 29.80
N LYS C 119 -0.06 27.91 29.37
CA LYS C 119 0.54 27.62 28.08
C LYS C 119 1.41 26.37 28.16
N PHE C 120 2.30 26.32 29.16
CA PHE C 120 3.33 25.31 29.24
C PHE C 120 3.32 24.61 30.61
N LYS C 121 3.38 23.29 30.59
CA LYS C 121 3.65 22.51 31.79
C LYS C 121 4.90 21.68 31.58
N ILE C 122 5.81 21.66 32.58
CA ILE C 122 6.97 20.78 32.51
C ILE C 122 6.63 19.44 33.17
N VAL C 123 6.77 18.35 32.40
CA VAL C 123 6.41 17.01 32.85
C VAL C 123 7.68 16.16 32.85
N PRO C 124 8.20 15.78 34.04
CA PRO C 124 9.36 14.88 34.09
C PRO C 124 8.91 13.49 33.66
N VAL C 125 9.68 12.85 32.80
CA VAL C 125 9.32 11.56 32.24
C VAL C 125 10.55 10.66 32.25
N GLN C 126 10.26 9.36 32.19
CA GLN C 126 11.29 8.35 31.98
C GLN C 126 11.73 8.34 30.51
N CYS C 127 12.82 7.63 30.26
CA CYS C 127 13.48 7.53 28.98
C CYS C 127 12.50 7.55 27.83
N LEU C 128 12.77 8.48 26.91
CA LEU C 128 11.95 8.71 25.73
C LEU C 128 12.47 7.97 24.50
N GLY C 129 13.48 7.10 24.66
CA GLY C 129 13.97 6.31 23.53
C GLY C 129 14.65 7.17 22.46
N ALA C 130 15.39 8.21 22.88
CA ALA C 130 16.18 8.98 21.94
C ALA C 130 17.54 9.30 22.58
N CYS C 131 18.11 8.30 23.29
CA CYS C 131 19.19 8.53 24.23
C CYS C 131 20.46 9.07 23.57
N SER C 132 20.72 8.67 22.33
CA SER C 132 21.88 9.16 21.58
C SER C 132 21.81 10.68 21.39
N GLU C 133 20.62 11.25 21.50
CA GLU C 133 20.42 12.69 21.37
C GLU C 133 20.13 13.35 22.71
N ALA C 134 20.59 12.72 23.80
CA ALA C 134 20.42 13.27 25.13
C ALA C 134 21.10 14.63 25.27
N PRO C 135 20.58 15.54 26.12
CA PRO C 135 19.29 15.39 26.82
C PRO C 135 18.08 15.70 25.95
N VAL C 136 17.02 14.89 26.10
CA VAL C 136 15.87 14.88 25.21
C VAL C 136 14.68 15.54 25.89
N PHE C 137 13.88 16.24 25.09
CA PHE C 137 12.59 16.70 25.54
C PHE C 137 11.60 16.64 24.40
N MET C 138 10.32 16.60 24.76
CA MET C 138 9.24 16.74 23.80
C MET C 138 8.46 18.02 24.12
N VAL C 139 7.87 18.61 23.08
CA VAL C 139 6.85 19.63 23.21
C VAL C 139 5.63 19.06 22.51
N ASN C 140 4.62 18.68 23.29
CA ASN C 140 3.54 17.84 22.80
C ASN C 140 4.19 16.69 22.04
N ASP C 141 3.86 16.50 20.76
CA ASP C 141 4.31 15.35 19.97
C ASP C 141 5.69 15.56 19.36
N ASP C 142 6.21 16.78 19.39
CA ASP C 142 7.51 17.04 18.78
C ASP C 142 8.65 16.72 19.75
N GLU C 143 9.74 16.18 19.25
CA GLU C 143 10.84 15.78 20.11
C GLU C 143 12.16 16.35 19.63
N TYR C 144 13.00 16.74 20.59
CA TYR C 144 14.20 17.52 20.33
C TYR C 144 15.34 17.13 21.27
N LYS C 145 16.56 17.29 20.77
CA LYS C 145 17.76 17.37 21.58
C LYS C 145 17.90 18.79 22.13
N PHE C 146 18.19 18.90 23.42
CA PHE C 146 18.59 20.18 24.01
C PHE C 146 20.08 20.43 23.75
N GLU C 147 20.37 21.61 23.21
CA GLU C 147 21.75 22.05 22.95
C GLU C 147 22.19 23.16 23.89
N SER C 148 21.33 24.16 24.13
CA SER C 148 21.66 25.38 24.87
C SER C 148 20.40 26.17 25.14
N GLU C 149 20.48 27.15 26.05
CA GLU C 149 19.36 28.02 26.35
C GLU C 149 18.91 28.78 25.11
N VAL C 150 19.85 29.32 24.31
CA VAL C 150 19.49 30.10 23.14
C VAL C 150 18.73 29.22 22.16
N GLN C 151 19.21 27.98 22.00
CA GLN C 151 18.62 27.07 21.04
C GLN C 151 17.21 26.69 21.52
N LEU C 152 17.08 26.44 22.82
CA LEU C 152 15.82 26.04 23.42
C LEU C 152 14.79 27.15 23.28
N ASN C 153 15.23 28.38 23.53
CA ASN C 153 14.38 29.55 23.43
C ASN C 153 13.76 29.64 22.02
N GLU C 154 14.59 29.43 20.99
CA GLU C 154 14.12 29.49 19.62
C GLU C 154 13.12 28.37 19.36
N ILE C 155 13.37 27.15 19.88
CA ILE C 155 12.41 26.07 19.74
C ILE C 155 11.06 26.44 20.38
N LEU C 156 11.09 26.93 21.63
CA LEU C 156 9.86 27.22 22.34
C LEU C 156 9.08 28.34 21.63
N SER C 157 9.79 29.21 20.90
CA SER C 157 9.15 30.31 20.20
C SER C 157 8.22 29.81 19.09
N ARG C 158 8.37 28.56 18.66
CA ARG C 158 7.53 28.00 17.62
C ARG C 158 6.14 27.60 18.14
N TYR C 159 5.96 27.60 19.46
CA TYR C 159 4.73 27.13 20.06
C TYR C 159 3.98 28.34 20.58
N THR C 160 2.87 28.69 19.91
CA THR C 160 2.25 29.97 20.08
C THR C 160 0.93 29.85 20.81
N ARG D 2 2.73 13.02 4.33
CA ARG D 2 2.14 14.16 5.09
C ARG D 2 3.22 14.80 5.97
N SER D 3 2.80 15.60 6.95
CA SER D 3 3.69 16.18 7.94
C SER D 3 3.61 15.33 9.21
N TYR D 4 4.78 14.96 9.75
CA TYR D 4 4.85 14.18 10.97
C TYR D 4 5.48 15.06 12.06
N PRO D 5 5.30 14.72 13.35
CA PRO D 5 5.98 15.42 14.43
C PRO D 5 7.49 15.37 14.28
N ALA D 6 8.18 16.38 14.81
CA ALA D 6 9.63 16.42 14.80
C ALA D 6 10.19 15.22 15.57
N ILE D 7 11.24 14.62 14.97
CA ILE D 7 11.99 13.52 15.52
C ILE D 7 13.47 13.92 15.46
N PRO D 8 14.26 13.73 16.53
CA PRO D 8 15.71 13.94 16.44
C PRO D 8 16.27 12.96 15.41
N ARG D 9 17.36 13.39 14.72
CA ARG D 9 17.98 12.60 13.68
C ARG D 9 19.08 11.73 14.25
N ILE D 10 18.66 10.62 14.83
CA ILE D 10 19.57 9.64 15.42
C ILE D 10 20.51 9.13 14.33
N TYR D 11 21.81 9.13 14.64
CA TYR D 11 22.83 8.61 13.75
C TYR D 11 22.67 7.10 13.65
N ALA D 12 22.78 6.58 12.41
CA ALA D 12 22.70 5.16 12.16
C ALA D 12 23.77 4.76 11.15
N GLU D 13 24.39 3.61 11.40
CA GLU D 13 25.51 3.13 10.60
C GLU D 13 25.42 1.61 10.54
N THR D 14 25.80 1.02 9.40
CA THR D 14 25.68 -0.41 9.20
C THR D 14 26.89 -0.94 8.44
N THR D 15 27.38 -2.13 8.84
CA THR D 15 28.37 -2.87 8.09
C THR D 15 27.69 -3.97 7.26
N LEU D 16 26.38 -4.19 7.42
CA LEU D 16 25.68 -5.29 6.78
C LEU D 16 24.67 -4.83 5.72
N ASN D 17 24.11 -3.63 5.89
CA ASN D 17 23.19 -3.07 4.90
C ASN D 17 21.95 -3.96 4.75
N MET D 18 21.35 -4.36 5.88
CA MET D 18 20.12 -5.13 5.87
C MET D 18 19.01 -4.30 6.51
N LEU D 19 18.90 -4.36 7.84
CA LEU D 19 17.85 -3.66 8.56
C LEU D 19 18.00 -2.15 8.37
N LEU D 20 19.24 -1.65 8.19
CA LEU D 20 19.48 -0.22 8.05
C LEU D 20 19.80 0.20 6.61
N LYS D 21 19.46 -0.62 5.61
CA LYS D 21 19.77 -0.26 4.24
C LYS D 21 19.15 1.08 3.90
N ARG D 22 17.92 1.28 4.38
CA ARG D 22 17.19 2.52 4.16
C ARG D 22 17.24 3.37 5.42
N ALA D 23 17.14 2.70 6.57
CA ALA D 23 16.95 3.42 7.82
C ALA D 23 18.26 4.07 8.29
N LYS D 24 19.36 3.86 7.59
CA LYS D 24 20.56 4.63 7.87
C LYS D 24 20.39 6.09 7.44
N LYS D 25 19.43 6.39 6.56
CA LYS D 25 19.13 7.76 6.18
C LYS D 25 17.94 8.24 7.01
N PRO D 26 18.05 9.39 7.73
CA PRO D 26 17.03 9.78 8.72
C PRO D 26 15.76 10.44 8.17
N ARG D 27 14.98 9.67 7.44
CA ARG D 27 13.76 10.17 6.84
C ARG D 27 12.84 8.99 6.57
N VAL D 28 11.55 9.29 6.35
CA VAL D 28 10.59 8.24 6.04
C VAL D 28 10.80 7.75 4.61
N HIS D 29 10.95 6.43 4.46
CA HIS D 29 11.00 5.81 3.14
C HIS D 29 9.62 5.20 2.87
N SER D 30 8.94 5.76 1.86
CA SER D 30 7.55 5.37 1.58
C SER D 30 7.51 4.19 0.61
N ILE D 31 6.31 3.68 0.30
CA ILE D 31 6.22 2.37 -0.33
C ILE D 31 6.91 2.35 -1.70
N ASP D 32 6.84 3.42 -2.48
CA ASP D 32 7.48 3.42 -3.80
C ASP D 32 8.98 3.18 -3.68
N GLU D 33 9.63 3.88 -2.73
CA GLU D 33 11.05 3.68 -2.52
C GLU D 33 11.32 2.25 -2.06
N TYR D 34 10.47 1.76 -1.17
CA TYR D 34 10.60 0.41 -0.62
C TYR D 34 10.49 -0.60 -1.77
N LEU D 35 9.53 -0.40 -2.68
CA LEU D 35 9.32 -1.32 -3.79
C LEU D 35 10.52 -1.33 -4.74
N LYS D 36 11.18 -0.18 -4.92
CA LYS D 36 12.34 -0.13 -5.83
C LYS D 36 13.47 -1.05 -5.37
N ASP D 37 13.60 -1.26 -4.06
CA ASP D 37 14.64 -2.09 -3.47
C ASP D 37 14.17 -3.55 -3.36
N GLY D 38 13.07 -3.94 -4.03
CA GLY D 38 12.60 -5.31 -3.96
C GLY D 38 11.63 -5.53 -2.80
N GLY D 39 11.15 -4.44 -2.20
CA GLY D 39 10.16 -4.53 -1.14
C GLY D 39 8.94 -5.36 -1.55
N TYR D 40 8.45 -6.16 -0.60
CA TYR D 40 7.23 -6.94 -0.70
C TYR D 40 7.42 -8.14 -1.62
N GLN D 41 8.60 -8.31 -2.23
CA GLN D 41 8.84 -9.49 -3.04
C GLN D 41 9.02 -10.73 -2.16
N ALA D 42 9.57 -10.57 -0.95
CA ALA D 42 9.63 -11.69 -0.03
C ALA D 42 8.22 -12.11 0.38
N LEU D 43 7.33 -11.15 0.67
CA LEU D 43 5.95 -11.51 0.94
C LEU D 43 5.39 -12.35 -0.23
N GLU D 44 5.62 -11.92 -1.47
CA GLU D 44 5.05 -12.62 -2.61
C GLU D 44 5.58 -14.05 -2.67
N LYS D 45 6.88 -14.22 -2.38
CA LYS D 45 7.50 -15.53 -2.28
C LYS D 45 6.86 -16.34 -1.16
N ALA D 46 6.67 -15.72 0.01
CA ALA D 46 6.11 -16.40 1.19
C ALA D 46 4.71 -16.94 0.92
N LEU D 47 3.87 -16.15 0.22
CA LEU D 47 2.49 -16.53 -0.02
C LEU D 47 2.40 -17.69 -1.00
N ASN D 48 3.50 -18.02 -1.68
CA ASN D 48 3.54 -19.20 -2.53
C ASN D 48 4.13 -20.39 -1.78
N MET D 49 4.48 -20.18 -0.51
CA MET D 49 4.93 -21.25 0.38
C MET D 49 3.80 -21.60 1.34
N SER D 50 3.89 -22.77 1.95
CA SER D 50 2.98 -23.15 3.01
C SER D 50 3.39 -22.43 4.29
N PRO D 51 2.43 -22.08 5.16
CA PRO D 51 2.77 -21.55 6.49
C PRO D 51 3.80 -22.41 7.21
N GLU D 52 3.63 -23.73 7.14
CA GLU D 52 4.53 -24.71 7.75
C GLU D 52 5.97 -24.52 7.23
N GLU D 53 6.12 -24.33 5.92
N GLU D 53 6.13 -24.30 5.93
CA GLU D 53 7.44 -24.09 5.33
CA GLU D 53 7.47 -24.11 5.37
C GLU D 53 8.06 -22.81 5.90
C GLU D 53 8.07 -22.80 5.88
N ILE D 54 7.26 -21.75 6.02
CA ILE D 54 7.79 -20.48 6.50
C ILE D 54 8.29 -20.66 7.94
N ILE D 55 7.48 -21.34 8.75
CA ILE D 55 7.87 -21.59 10.14
C ILE D 55 9.21 -22.33 10.15
N ASP D 56 9.33 -23.37 9.31
CA ASP D 56 10.54 -24.16 9.22
C ASP D 56 11.75 -23.29 8.89
N TRP D 57 11.60 -22.37 7.92
CA TRP D 57 12.71 -21.53 7.50
C TRP D 57 13.14 -20.60 8.64
N VAL D 58 12.15 -19.99 9.30
CA VAL D 58 12.43 -19.09 10.39
C VAL D 58 13.10 -19.85 11.53
N ASP D 59 12.64 -21.07 11.84
CA ASP D 59 13.31 -21.94 12.80
C ASP D 59 14.77 -22.17 12.42
N LYS D 60 15.00 -22.61 11.18
CA LYS D 60 16.33 -23.01 10.72
C LYS D 60 17.26 -21.80 10.60
N SER D 61 16.71 -20.60 10.45
CA SER D 61 17.53 -19.40 10.36
C SER D 61 18.31 -19.15 11.64
N THR D 62 17.80 -19.65 12.77
CA THR D 62 18.33 -19.50 14.13
C THR D 62 17.94 -18.16 14.75
N LEU D 63 17.07 -17.38 14.09
CA LEU D 63 16.62 -16.09 14.60
C LEU D 63 16.09 -16.25 16.03
N ARG D 64 16.62 -15.42 16.93
CA ARG D 64 16.14 -15.36 18.30
C ARG D 64 15.55 -14.00 18.59
N GLY D 65 14.61 -13.99 19.52
CA GLY D 65 13.91 -12.76 19.84
C GLY D 65 14.86 -11.62 20.20
N ARG D 66 14.55 -10.42 19.71
CA ARG D 66 15.37 -9.24 19.91
C ARG D 66 14.82 -8.34 21.02
N GLY D 67 13.79 -8.82 21.73
CA GLY D 67 13.14 -8.00 22.75
C GLY D 67 13.78 -8.15 24.12
N GLY D 68 14.84 -8.97 24.22
CA GLY D 68 15.62 -9.05 25.45
C GLY D 68 15.80 -10.47 26.00
N ALA D 69 14.90 -11.40 25.66
CA ALA D 69 14.89 -12.74 26.26
C ALA D 69 15.46 -13.80 25.32
N GLY D 70 15.61 -13.46 24.03
CA GLY D 70 16.31 -14.32 23.08
C GLY D 70 15.66 -15.68 22.81
N PHE D 71 14.32 -15.76 22.94
CA PHE D 71 13.62 -17.02 22.69
C PHE D 71 13.65 -17.32 21.19
N PRO D 72 13.95 -18.56 20.76
CA PRO D 72 13.98 -18.88 19.32
C PRO D 72 12.63 -18.58 18.65
N THR D 73 12.63 -17.73 17.61
CA THR D 73 11.41 -17.23 17.01
C THR D 73 10.60 -18.35 16.33
N GLY D 74 11.26 -19.15 15.49
CA GLY D 74 10.56 -20.21 14.78
C GLY D 74 9.86 -21.17 15.75
N LYS D 75 10.53 -21.48 16.85
CA LYS D 75 9.98 -22.35 17.88
C LYS D 75 8.77 -21.70 18.53
N LYS D 76 8.82 -20.38 18.79
CA LYS D 76 7.67 -19.69 19.35
C LYS D 76 6.46 -19.90 18.44
N TRP D 77 6.68 -19.70 17.14
CA TRP D 77 5.61 -19.84 16.16
C TRP D 77 5.08 -21.27 16.18
N LYS D 78 5.97 -22.27 16.28
CA LYS D 78 5.54 -23.67 16.34
C LYS D 78 4.64 -23.91 17.55
N PHE D 79 5.02 -23.36 18.71
CA PHE D 79 4.20 -23.53 19.90
C PHE D 79 2.81 -22.95 19.67
N ALA D 80 2.70 -21.81 19.00
CA ALA D 80 1.41 -21.21 18.76
C ALA D 80 0.53 -22.09 17.87
N VAL D 81 1.08 -22.61 16.77
CA VAL D 81 0.26 -23.25 15.76
C VAL D 81 -0.12 -24.68 16.17
N GLN D 82 0.39 -25.17 17.29
CA GLN D 82 -0.08 -26.46 17.79
C GLN D 82 -1.41 -26.29 18.52
N ASN D 83 -1.84 -25.04 18.76
CA ASN D 83 -3.08 -24.75 19.46
C ASN D 83 -4.14 -24.27 18.48
N PRO D 84 -5.42 -24.66 18.67
CA PRO D 84 -6.49 -24.24 17.77
C PRO D 84 -6.65 -22.73 17.67
N GLY D 85 -6.97 -22.28 16.46
CA GLY D 85 -7.22 -20.88 16.20
C GLY D 85 -8.58 -20.43 16.73
N PRO D 86 -8.94 -19.14 16.54
CA PRO D 86 -8.11 -18.19 15.80
C PRO D 86 -6.87 -17.79 16.61
N ARG D 87 -5.89 -17.24 15.89
CA ARG D 87 -4.64 -16.83 16.49
C ARG D 87 -4.37 -15.37 16.13
N TYR D 88 -3.52 -14.74 16.96
CA TYR D 88 -3.24 -13.33 16.85
C TYR D 88 -1.72 -13.18 16.80
N PHE D 89 -1.32 -12.14 16.06
CA PHE D 89 0.07 -11.76 15.94
C PHE D 89 0.19 -10.34 16.46
N ILE D 90 1.19 -10.13 17.34
CA ILE D 90 1.42 -8.82 17.91
C ILE D 90 2.87 -8.41 17.72
N CYS D 91 3.06 -7.20 17.19
CA CYS D 91 4.37 -6.57 17.13
C CYS D 91 4.53 -5.65 18.34
N ASN D 92 5.53 -5.95 19.17
CA ASN D 92 5.83 -5.18 20.37
C ASN D 92 6.74 -4.04 19.99
N ALA D 93 6.16 -2.83 19.95
CA ALA D 93 6.90 -1.62 19.69
C ALA D 93 6.81 -0.71 20.91
N ASP D 94 6.89 -1.30 22.12
CA ASP D 94 6.76 -0.50 23.32
C ASP D 94 8.09 0.14 23.77
N GLU D 95 9.19 -0.31 23.17
CA GLU D 95 10.57 0.11 23.46
C GLU D 95 10.66 1.29 24.44
N SER D 96 10.90 0.98 25.71
CA SER D 96 10.90 1.97 26.76
C SER D 96 12.02 1.76 27.78
N GLU D 97 12.92 0.78 27.56
CA GLU D 97 14.04 0.59 28.48
C GLU D 97 15.08 1.71 28.30
N PRO D 98 15.63 2.30 29.38
CA PRO D 98 16.67 3.31 29.28
C PRO D 98 17.80 2.88 28.34
N GLY D 99 18.13 3.76 27.42
CA GLY D 99 19.22 3.56 26.49
C GLY D 99 18.76 2.95 25.17
N THR D 100 17.52 2.44 25.11
CA THR D 100 17.13 1.63 23.97
C THR D 100 16.31 2.47 22.98
N PHE D 101 16.84 2.61 21.77
CA PHE D 101 16.18 3.37 20.72
C PHE D 101 16.42 2.73 19.35
N LYS D 102 16.65 1.42 19.33
CA LYS D 102 16.90 0.67 18.11
C LYS D 102 15.61 0.48 17.29
N ASP D 103 14.47 0.22 17.96
CA ASP D 103 13.26 -0.19 17.24
C ASP D 103 12.67 1.00 16.49
N ARG D 104 12.79 2.19 17.08
CA ARG D 104 12.12 3.36 16.55
C ARG D 104 12.67 3.70 15.18
N ILE D 105 13.96 3.44 14.91
CA ILE D 105 14.49 3.91 13.64
C ILE D 105 13.96 3.04 12.50
N ILE D 106 13.65 1.77 12.75
CA ILE D 106 12.98 0.96 11.73
C ILE D 106 11.58 1.50 11.51
N ILE D 107 10.84 1.76 12.60
CA ILE D 107 9.46 2.19 12.51
C ILE D 107 9.38 3.50 11.72
N GLU D 108 10.20 4.46 12.12
CA GLU D 108 10.07 5.81 11.63
C GLU D 108 10.67 5.99 10.23
N ARG D 109 11.63 5.14 9.85
CA ARG D 109 12.38 5.34 8.61
C ARG D 109 12.08 4.29 7.54
N ASP D 110 11.75 3.06 7.95
CA ASP D 110 11.55 1.98 7.01
C ASP D 110 10.36 1.16 7.45
N PRO D 111 9.19 1.80 7.66
CA PRO D 111 8.03 1.09 8.19
C PRO D 111 7.63 -0.14 7.40
N HIS D 112 7.82 -0.12 6.07
CA HIS D 112 7.42 -1.27 5.26
C HIS D 112 8.25 -2.52 5.53
N LEU D 113 9.48 -2.36 6.01
CA LEU D 113 10.28 -3.51 6.40
C LEU D 113 9.59 -4.27 7.53
N LEU D 114 9.08 -3.52 8.50
CA LEU D 114 8.35 -4.10 9.61
C LEU D 114 7.02 -4.67 9.12
N ILE D 115 6.29 -3.90 8.30
CA ILE D 115 4.97 -4.34 7.89
C ILE D 115 5.07 -5.62 7.07
N GLU D 116 6.04 -5.69 6.16
CA GLU D 116 6.28 -6.88 5.35
C GLU D 116 6.50 -8.09 6.26
N GLY D 117 7.33 -7.90 7.30
CA GLY D 117 7.57 -8.94 8.27
C GLY D 117 6.31 -9.36 9.01
N ILE D 118 5.48 -8.39 9.41
CA ILE D 118 4.25 -8.68 10.12
C ILE D 118 3.35 -9.54 9.25
N ILE D 119 3.22 -9.19 7.96
CA ILE D 119 2.33 -9.93 7.08
C ILE D 119 2.85 -11.36 6.92
N ILE D 120 4.15 -11.55 6.67
CA ILE D 120 4.70 -12.88 6.49
C ILE D 120 4.50 -13.71 7.77
N SER D 121 4.82 -13.12 8.91
CA SER D 121 4.73 -13.82 10.19
C SER D 121 3.27 -14.21 10.48
N SER D 122 2.33 -13.31 10.16
CA SER D 122 0.93 -13.55 10.43
C SER D 122 0.43 -14.70 9.57
N TYR D 123 0.83 -14.70 8.30
CA TYR D 123 0.50 -15.81 7.41
C TYR D 123 1.05 -17.11 7.96
N ALA D 124 2.29 -17.08 8.48
CA ALA D 124 2.94 -18.29 8.95
C ALA D 124 2.16 -18.93 10.10
N ILE D 125 1.56 -18.12 10.99
CA ILE D 125 0.87 -18.69 12.15
C ILE D 125 -0.63 -18.73 11.95
N GLY D 126 -1.12 -18.31 10.77
CA GLY D 126 -2.55 -18.35 10.49
C GLY D 126 -3.34 -17.27 11.24
N ALA D 127 -2.71 -16.13 11.52
CA ALA D 127 -3.40 -15.02 12.14
C ALA D 127 -3.99 -14.10 11.08
N ASN D 128 -5.27 -13.76 11.21
CA ASN D 128 -5.93 -12.86 10.28
C ASN D 128 -6.06 -11.46 10.86
N GLU D 129 -5.60 -11.31 12.12
CA GLU D 129 -5.64 -10.05 12.84
C GLU D 129 -4.29 -9.91 13.52
N ALA D 130 -3.65 -8.77 13.25
CA ALA D 130 -2.35 -8.45 13.81
C ALA D 130 -2.43 -7.06 14.43
N TYR D 131 -1.56 -6.84 15.42
CA TYR D 131 -1.47 -5.57 16.11
C TYR D 131 -0.04 -5.08 16.16
N ILE D 132 0.13 -3.76 16.07
CA ILE D 132 1.34 -3.12 16.54
C ILE D 132 0.96 -2.30 17.78
N TYR D 133 1.65 -2.56 18.88
CA TYR D 133 1.45 -1.80 20.10
C TYR D 133 2.67 -0.91 20.23
N ILE D 134 2.48 0.39 20.02
CA ILE D 134 3.61 1.31 20.02
C ILE D 134 3.46 2.24 21.23
N ARG D 135 4.59 2.49 21.90
CA ARG D 135 4.51 3.32 23.09
C ARG D 135 3.90 4.68 22.75
N GLY D 136 3.22 5.28 23.73
CA GLY D 136 2.55 6.55 23.52
C GLY D 136 3.52 7.68 23.24
N GLU D 137 4.76 7.56 23.69
CA GLU D 137 5.75 8.62 23.51
C GLU D 137 6.47 8.53 22.15
N TYR D 138 5.98 7.66 21.26
CA TYR D 138 6.41 7.59 19.87
C TYR D 138 5.26 8.01 18.95
N PRO D 139 4.75 9.26 19.07
CA PRO D 139 3.62 9.69 18.25
C PRO D 139 3.94 9.74 16.75
N ALA D 140 5.16 10.16 16.38
CA ALA D 140 5.54 10.13 14.98
C ALA D 140 5.51 8.71 14.43
N GLY D 141 6.07 7.75 15.19
CA GLY D 141 6.07 6.35 14.77
C GLY D 141 4.65 5.87 14.50
N TYR D 142 3.72 6.28 15.37
CA TYR D 142 2.33 5.88 15.25
C TYR D 142 1.77 6.39 13.91
N TYR D 143 1.96 7.69 13.61
CA TYR D 143 1.37 8.29 12.41
C TYR D 143 2.02 7.68 11.16
N ILE D 144 3.33 7.49 11.21
CA ILE D 144 4.06 6.93 10.09
C ILE D 144 3.54 5.52 9.81
N LEU D 145 3.36 4.71 10.87
CA LEU D 145 2.84 3.36 10.68
C LEU D 145 1.43 3.34 10.12
N ARG D 146 0.54 4.21 10.62
CA ARG D 146 -0.83 4.20 10.12
C ARG D 146 -0.84 4.50 8.60
N ASP D 147 -0.03 5.47 8.19
CA ASP D 147 0.05 5.87 6.80
C ASP D 147 0.68 4.76 5.96
N ALA D 148 1.73 4.09 6.48
CA ALA D 148 2.39 3.01 5.76
C ALA D 148 1.44 1.82 5.58
N ILE D 149 0.59 1.57 6.58
CA ILE D 149 -0.40 0.50 6.48
C ILE D 149 -1.40 0.82 5.38
N GLU D 150 -1.83 2.09 5.31
CA GLU D 150 -2.75 2.47 4.25
C GLU D 150 -2.09 2.24 2.88
N GLU D 151 -0.80 2.61 2.74
CA GLU D 151 -0.07 2.40 1.50
C GLU D 151 -0.07 0.92 1.11
N ALA D 152 0.21 0.03 2.06
CA ALA D 152 0.25 -1.40 1.81
C ALA D 152 -1.13 -1.90 1.37
N LYS D 153 -2.19 -1.40 2.03
CA LYS D 153 -3.54 -1.76 1.60
C LYS D 153 -3.76 -1.37 0.14
N LYS D 154 -3.38 -0.13 -0.21
CA LYS D 154 -3.62 0.39 -1.54
C LYS D 154 -2.95 -0.47 -2.61
N LYS D 155 -1.76 -1.01 -2.27
CA LYS D 155 -1.00 -1.83 -3.19
C LYS D 155 -1.41 -3.30 -3.10
N GLY D 156 -2.39 -3.63 -2.25
CA GLY D 156 -2.95 -4.96 -2.20
C GLY D 156 -2.14 -5.95 -1.35
N PHE D 157 -1.32 -5.44 -0.41
CA PHE D 157 -0.54 -6.30 0.47
C PHE D 157 -1.27 -6.59 1.78
N LEU D 158 -2.38 -5.87 2.01
CA LEU D 158 -3.23 -6.09 3.17
C LEU D 158 -4.66 -6.13 2.70
N GLY D 159 -5.53 -6.66 3.57
CA GLY D 159 -6.94 -6.80 3.25
C GLY D 159 -7.30 -8.27 3.04
N LYS D 160 -8.38 -8.51 2.31
CA LYS D 160 -8.84 -9.87 2.07
C LYS D 160 -8.15 -10.43 0.83
N ASN D 161 -7.88 -11.74 0.85
CA ASN D 161 -7.45 -12.47 -0.33
C ASN D 161 -6.22 -11.79 -0.93
N ILE D 162 -5.20 -11.61 -0.10
CA ILE D 162 -4.01 -10.85 -0.44
C ILE D 162 -3.30 -11.51 -1.63
N LEU D 163 -3.20 -10.76 -2.74
CA LEU D 163 -2.55 -11.22 -3.97
C LEU D 163 -3.09 -12.57 -4.40
N GLY D 164 -4.38 -12.81 -4.19
CA GLY D 164 -5.04 -14.01 -4.70
C GLY D 164 -4.76 -15.26 -3.87
N SER D 165 -4.10 -15.10 -2.71
CA SER D 165 -3.66 -16.22 -1.90
C SER D 165 -4.78 -16.81 -1.03
N GLY D 166 -5.89 -16.09 -0.87
CA GLY D 166 -6.92 -16.49 0.08
C GLY D 166 -6.58 -16.15 1.54
N PHE D 167 -5.41 -15.53 1.80
CA PHE D 167 -5.02 -15.10 3.14
C PHE D 167 -5.54 -13.69 3.39
N ASP D 168 -6.27 -13.51 4.49
CA ASP D 168 -6.81 -12.21 4.90
C ASP D 168 -6.01 -11.64 6.06
N LEU D 169 -5.72 -10.34 6.05
CA LEU D 169 -5.02 -9.74 7.17
C LEU D 169 -5.38 -8.27 7.31
N GLU D 170 -5.71 -7.88 8.54
CA GLU D 170 -5.75 -6.48 8.94
C GLU D 170 -4.72 -6.28 10.07
N ILE D 171 -4.02 -5.14 10.03
CA ILE D 171 -3.09 -4.76 11.07
C ILE D 171 -3.62 -3.52 11.75
N TYR D 172 -3.80 -3.60 13.07
CA TYR D 172 -4.31 -2.53 13.91
C TYR D 172 -3.15 -1.93 14.68
N VAL D 173 -3.13 -0.60 14.79
CA VAL D 173 -2.07 0.08 15.52
C VAL D 173 -2.65 0.64 16.81
N ALA D 174 -2.13 0.14 17.93
CA ALA D 174 -2.54 0.56 19.26
C ALA D 174 -1.42 1.41 19.86
N ARG D 175 -1.81 2.32 20.75
CA ARG D 175 -0.85 3.19 21.40
C ARG D 175 -0.86 2.93 22.91
N GLY D 176 0.34 2.88 23.49
CA GLY D 176 0.54 2.90 24.93
C GLY D 176 0.26 4.28 25.50
N ALA D 177 0.40 4.44 26.82
CA ALA D 177 0.12 5.70 27.45
C ALA D 177 0.98 5.91 28.70
N GLY D 178 2.23 5.42 28.67
CA GLY D 178 3.25 5.87 29.62
C GLY D 178 3.84 4.79 30.53
N ALA D 179 3.46 3.52 30.33
CA ALA D 179 3.88 2.46 31.24
C ALA D 179 4.91 1.56 30.59
N TYR D 180 6.12 1.51 31.17
CA TYR D 180 7.17 0.60 30.70
C TYR D 180 6.72 -0.87 30.79
N ILE D 181 5.87 -1.18 31.76
CA ILE D 181 5.47 -2.55 32.02
C ILE D 181 4.64 -3.07 30.86
N CYS D 182 4.05 -2.19 30.02
CA CYS D 182 3.24 -2.66 28.91
C CYS D 182 4.08 -3.19 27.76
N GLY D 183 5.41 -3.18 27.90
CA GLY D 183 6.28 -3.93 27.02
C GLY D 183 6.39 -5.40 27.41
N GLU D 184 6.08 -5.74 28.67
CA GLU D 184 6.00 -7.13 29.07
C GLU D 184 4.80 -7.70 28.31
N GLU D 185 4.99 -8.83 27.64
CA GLU D 185 4.04 -9.27 26.63
C GLU D 185 2.64 -9.49 27.20
N THR D 186 2.49 -10.00 28.43
CA THR D 186 1.16 -10.22 28.98
C THR D 186 0.50 -8.91 29.39
N ALA D 187 1.27 -7.93 29.90
CA ALA D 187 0.70 -6.62 30.22
C ALA D 187 0.30 -5.89 28.94
N LEU D 188 1.08 -6.10 27.88
CA LEU D 188 0.78 -5.54 26.57
C LEU D 188 -0.61 -6.03 26.16
N ILE D 189 -0.82 -7.35 26.25
CA ILE D 189 -2.09 -7.96 25.86
C ILE D 189 -3.21 -7.41 26.73
N GLU D 190 -2.99 -7.28 28.04
CA GLU D 190 -3.99 -6.70 28.91
C GLU D 190 -4.36 -5.29 28.42
N SER D 191 -3.35 -4.54 28.00
CA SER D 191 -3.55 -3.17 27.51
C SER D 191 -4.33 -3.19 26.20
N LEU D 192 -4.02 -4.13 25.32
CA LEU D 192 -4.74 -4.29 24.07
C LEU D 192 -6.21 -4.63 24.30
N GLU D 193 -6.53 -5.28 25.43
CA GLU D 193 -7.87 -5.65 25.82
C GLU D 193 -8.60 -4.50 26.53
N GLY D 194 -7.94 -3.34 26.66
CA GLY D 194 -8.57 -2.15 27.22
C GLY D 194 -8.42 -2.02 28.73
N LYS D 195 -7.45 -2.73 29.31
CA LYS D 195 -7.27 -2.77 30.76
C LYS D 195 -5.95 -2.12 31.16
N ARG D 196 -5.75 -2.03 32.49
CA ARG D 196 -4.44 -1.68 33.03
C ARG D 196 -3.41 -2.71 32.58
N GLY D 197 -2.16 -2.26 32.47
CA GLY D 197 -1.06 -3.14 32.05
C GLY D 197 -0.50 -3.92 33.23
N HIS D 198 -1.21 -4.97 33.65
CA HIS D 198 -0.81 -5.82 34.76
C HIS D 198 -0.39 -7.16 34.19
N PRO D 199 0.91 -7.54 34.29
CA PRO D 199 1.33 -8.86 33.82
C PRO D 199 0.47 -9.97 34.44
N ARG D 200 0.32 -11.04 33.66
CA ARG D 200 -0.38 -12.24 34.07
C ARG D 200 0.66 -13.26 34.52
N LEU D 201 0.25 -14.18 35.40
CA LEU D 201 1.07 -15.33 35.73
C LEU D 201 1.32 -16.14 34.46
N LYS D 202 2.59 -16.51 34.24
CA LYS D 202 3.04 -17.35 33.13
C LYS D 202 3.74 -18.57 33.72
N PRO D 203 3.51 -19.82 33.25
CA PRO D 203 2.55 -20.12 32.18
C PRO D 203 1.11 -19.97 32.65
N PRO D 204 0.12 -19.93 31.73
CA PRO D 204 0.34 -20.11 30.28
C PRO D 204 1.07 -18.98 29.56
N TYR D 205 1.80 -19.35 28.50
CA TYR D 205 2.43 -18.36 27.66
C TYR D 205 1.38 -17.86 26.67
N PRO D 206 1.55 -16.64 26.15
CA PRO D 206 0.64 -16.11 25.14
C PRO D 206 0.35 -17.05 23.97
N VAL D 207 1.34 -17.85 23.56
CA VAL D 207 1.15 -18.76 22.43
C VAL D 207 0.08 -19.81 22.74
N GLN D 208 -0.19 -20.05 24.02
CA GLN D 208 -1.29 -20.92 24.41
C GLN D 208 -2.55 -20.10 24.70
N LYS D 209 -2.41 -19.09 25.57
CA LYS D 209 -3.53 -18.26 25.99
C LYS D 209 -3.07 -16.80 26.05
N GLY D 210 -3.55 -16.02 25.09
CA GLY D 210 -3.09 -14.66 24.86
C GLY D 210 -4.24 -13.67 24.78
N LEU D 211 -4.32 -12.95 23.66
CA LEU D 211 -5.38 -11.98 23.45
C LEU D 211 -6.72 -12.71 23.35
N TRP D 212 -7.69 -12.28 24.18
CA TRP D 212 -8.97 -12.92 24.33
C TRP D 212 -8.83 -14.42 24.59
N GLY D 213 -7.71 -14.81 25.22
CA GLY D 213 -7.50 -16.18 25.65
C GLY D 213 -7.07 -17.10 24.52
N LYS D 214 -6.76 -16.52 23.36
CA LYS D 214 -6.48 -17.27 22.15
C LYS D 214 -4.97 -17.32 21.92
N PRO D 215 -4.46 -18.31 21.16
CA PRO D 215 -3.03 -18.34 20.83
C PRO D 215 -2.57 -17.04 20.22
N THR D 216 -1.52 -16.47 20.82
CA THR D 216 -1.01 -15.19 20.43
C THR D 216 0.52 -15.23 20.42
N VAL D 217 1.09 -14.79 19.29
CA VAL D 217 2.54 -14.62 19.18
C VAL D 217 2.84 -13.14 19.37
N VAL D 218 3.71 -12.86 20.36
CA VAL D 218 4.25 -11.52 20.51
C VAL D 218 5.70 -11.57 20.05
N ASN D 219 6.09 -10.66 19.15
CA ASN D 219 7.49 -10.52 18.77
C ASN D 219 7.88 -9.05 18.74
N ASN D 220 9.16 -8.79 19.03
CA ASN D 220 9.73 -7.45 18.99
C ASN D 220 9.88 -6.95 17.55
N VAL D 221 9.84 -5.62 17.38
CA VAL D 221 10.03 -4.96 16.09
C VAL D 221 11.25 -5.51 15.33
N GLU D 222 12.40 -5.54 16.02
CA GLU D 222 13.66 -5.89 15.39
C GLU D 222 13.61 -7.36 14.96
N THR D 223 13.00 -8.24 15.77
CA THR D 223 12.85 -9.63 15.40
C THR D 223 12.14 -9.72 14.05
N ILE D 224 11.01 -9.03 13.98
CA ILE D 224 10.12 -9.08 12.84
C ILE D 224 10.81 -8.49 11.61
N ALA D 225 11.65 -7.47 11.78
CA ALA D 225 12.36 -6.83 10.70
C ALA D 225 13.33 -7.78 10.01
N ASN D 226 13.68 -8.90 10.66
CA ASN D 226 14.56 -9.89 10.04
C ASN D 226 13.83 -10.82 9.07
N VAL D 227 12.50 -10.93 9.20
CA VAL D 227 11.75 -11.99 8.52
C VAL D 227 11.85 -11.87 7.00
N ARG D 228 11.72 -10.64 6.47
CA ARG D 228 11.91 -10.39 5.05
C ARG D 228 13.19 -11.06 4.55
N PHE D 229 14.29 -10.89 5.30
CA PHE D 229 15.58 -11.35 4.81
C PHE D 229 15.67 -12.87 4.83
N ILE D 230 15.08 -13.51 5.84
CA ILE D 230 15.08 -14.97 5.91
C ILE D 230 14.39 -15.55 4.67
N ILE D 231 13.24 -15.00 4.29
CA ILE D 231 12.51 -15.50 3.14
C ILE D 231 13.25 -15.15 1.84
N SER D 232 13.72 -13.90 1.71
CA SER D 232 14.40 -13.46 0.49
C SER D 232 15.68 -14.26 0.22
N MET D 233 16.54 -14.38 1.25
CA MET D 233 17.85 -14.97 1.09
C MET D 233 17.76 -16.48 1.21
N GLY D 234 16.69 -16.97 1.87
CA GLY D 234 16.64 -18.35 2.33
C GLY D 234 17.36 -18.49 3.67
N TRP D 235 16.96 -19.48 4.45
CA TRP D 235 17.45 -19.59 5.81
C TRP D 235 18.94 -19.89 5.82
N GLU D 236 19.44 -20.64 4.82
CA GLU D 236 20.83 -21.05 4.79
C GLU D 236 21.74 -19.83 4.63
N GLU D 237 21.46 -18.97 3.64
CA GLU D 237 22.31 -17.81 3.41
C GLU D 237 22.19 -16.82 4.58
N TYR D 238 21.00 -16.69 5.15
CA TYR D 238 20.83 -15.86 6.34
C TYR D 238 21.72 -16.35 7.47
N ARG D 239 21.75 -17.68 7.67
CA ARG D 239 22.45 -18.28 8.80
C ARG D 239 23.97 -18.13 8.64
N TYR D 240 24.42 -17.72 7.44
CA TYR D 240 25.84 -17.55 7.17
C TYR D 240 26.29 -16.14 7.52
N ILE D 241 25.36 -15.27 7.93
CA ILE D 241 25.73 -13.93 8.36
C ILE D 241 26.26 -13.97 9.80
N GLY D 242 27.45 -13.41 10.00
CA GLY D 242 28.04 -13.32 11.32
C GLY D 242 28.43 -14.71 11.84
N PRO D 243 28.64 -14.87 13.15
CA PRO D 243 29.05 -16.16 13.71
C PRO D 243 27.89 -17.13 13.66
N SER D 244 28.19 -18.40 13.37
CA SER D 244 27.17 -19.38 13.04
C SER D 244 26.30 -19.70 14.26
N ASP D 245 26.81 -19.42 15.47
CA ASP D 245 26.07 -19.74 16.68
C ASP D 245 25.18 -18.57 17.09
N TYR D 246 25.43 -17.37 16.53
CA TYR D 246 24.62 -16.17 16.79
C TYR D 246 24.53 -15.38 15.48
N ALA D 247 23.87 -15.99 14.51
CA ALA D 247 23.84 -15.55 13.12
C ALA D 247 22.84 -14.42 12.95
N GLY D 248 23.12 -13.56 11.98
CA GLY D 248 22.18 -12.54 11.55
C GLY D 248 22.62 -11.15 11.96
N PRO D 249 22.00 -10.11 11.36
CA PRO D 249 22.29 -8.74 11.79
C PRO D 249 21.72 -8.43 13.16
N LYS D 250 22.36 -7.51 13.87
CA LYS D 250 21.85 -7.01 15.12
C LYS D 250 22.01 -5.50 15.16
N LEU D 251 21.03 -4.85 15.80
CA LEU D 251 21.08 -3.40 16.04
C LEU D 251 21.60 -3.14 17.45
N PHE D 252 22.50 -2.17 17.55
CA PHE D 252 23.09 -1.79 18.82
C PHE D 252 22.88 -0.29 19.03
N PRO D 253 21.94 0.10 19.93
CA PRO D 253 21.79 1.49 20.34
C PRO D 253 22.86 1.87 21.36
N VAL D 254 23.73 2.81 20.95
CA VAL D 254 24.86 3.24 21.73
C VAL D 254 24.69 4.70 22.13
N SER D 255 24.90 4.99 23.42
CA SER D 255 24.64 6.32 23.97
C SER D 255 25.59 6.60 25.14
N GLY D 256 25.48 7.81 25.69
CA GLY D 256 26.36 8.25 26.74
C GLY D 256 27.63 8.85 26.16
N LYS D 257 28.75 8.55 26.80
CA LYS D 257 29.99 9.28 26.64
C LYS D 257 30.81 8.75 25.47
N VAL D 258 30.17 8.58 24.31
CA VAL D 258 30.87 8.24 23.08
C VAL D 258 30.81 9.38 22.08
N LYS D 259 31.71 9.38 21.10
CA LYS D 259 31.77 10.47 20.14
C LYS D 259 30.65 10.38 19.13
N LYS D 260 30.22 9.16 18.77
CA LYS D 260 29.24 8.93 17.72
C LYS D 260 28.09 8.10 18.26
N PRO D 261 27.28 8.63 19.19
CA PRO D 261 26.14 7.85 19.72
C PRO D 261 25.13 7.67 18.59
N GLY D 262 24.42 6.54 18.60
CA GLY D 262 23.54 6.20 17.50
C GLY D 262 23.28 4.70 17.47
N VAL D 263 22.68 4.24 16.37
CA VAL D 263 22.34 2.85 16.21
C VAL D 263 23.30 2.25 15.19
N TYR D 264 23.91 1.12 15.54
CA TYR D 264 24.87 0.41 14.71
C TYR D 264 24.34 -0.97 14.35
N GLU D 265 24.28 -1.27 13.06
CA GLU D 265 23.95 -2.61 12.62
C GLU D 265 25.24 -3.37 12.35
N LEU D 266 25.46 -4.41 13.16
CA LEU D 266 26.73 -5.12 13.21
C LEU D 266 26.45 -6.60 13.42
N PRO D 267 27.40 -7.50 13.06
CA PRO D 267 27.27 -8.91 13.42
C PRO D 267 27.61 -9.09 14.91
N MET D 268 27.14 -10.21 15.47
CA MET D 268 27.17 -10.39 16.91
C MET D 268 28.50 -10.97 17.41
N ASN D 269 29.48 -11.18 16.53
CA ASN D 269 30.84 -11.42 16.99
C ASN D 269 31.60 -10.11 17.29
N THR D 270 31.04 -8.96 16.94
CA THR D 270 31.59 -7.69 17.39
C THR D 270 31.73 -7.72 18.92
N THR D 271 32.85 -7.18 19.42
CA THR D 271 33.05 -7.07 20.86
C THR D 271 32.52 -5.71 21.34
N LEU D 272 32.26 -5.64 22.64
CA LEU D 272 31.86 -4.39 23.27
C LEU D 272 32.91 -3.29 23.04
N ARG D 273 34.18 -3.63 23.18
CA ARG D 273 35.26 -2.66 22.92
C ARG D 273 35.17 -2.11 21.49
N GLU D 274 34.92 -2.98 20.50
CA GLU D 274 34.80 -2.57 19.11
C GLU D 274 33.61 -1.65 18.90
N VAL D 275 32.48 -1.99 19.53
CA VAL D 275 31.32 -1.12 19.42
C VAL D 275 31.72 0.28 19.86
N ILE D 276 32.37 0.42 21.01
CA ILE D 276 32.68 1.73 21.54
C ILE D 276 33.76 2.44 20.71
N PHE D 277 34.86 1.73 20.43
CA PHE D 277 36.08 2.38 19.95
C PHE D 277 36.23 2.29 18.43
N LYS D 278 35.77 1.17 17.83
CA LYS D 278 35.90 0.97 16.40
C LYS D 278 34.75 1.65 15.66
N TYR D 279 33.51 1.56 16.21
CA TYR D 279 32.32 2.02 15.51
C TYR D 279 31.86 3.38 16.05
N ALA D 280 31.77 3.52 17.38
CA ALA D 280 31.16 4.70 17.97
C ALA D 280 32.18 5.82 18.22
N GLY D 281 33.42 5.67 17.76
CA GLY D 281 34.36 6.76 17.67
C GLY D 281 35.15 6.99 18.95
N GLY D 282 35.02 6.08 19.91
CA GLY D 282 35.73 6.24 21.17
C GLY D 282 34.95 7.12 22.12
N THR D 283 35.60 7.48 23.23
CA THR D 283 34.89 8.21 24.28
C THR D 283 35.01 9.71 24.05
N LEU D 284 34.05 10.44 24.63
CA LEU D 284 34.12 11.88 24.70
C LEU D 284 35.37 12.26 25.51
N GLY D 285 36.17 13.15 24.93
CA GLY D 285 37.38 13.66 25.55
C GLY D 285 38.48 12.61 25.65
N ASN D 286 38.29 11.44 25.02
CA ASN D 286 39.19 10.31 25.15
C ASN D 286 39.37 9.92 26.61
N LYS D 287 38.32 10.09 27.42
CA LYS D 287 38.41 9.69 28.82
C LYS D 287 38.28 8.17 28.90
N LYS D 288 38.74 7.58 30.00
CA LYS D 288 38.69 6.14 30.13
C LYS D 288 37.26 5.70 30.37
N VAL D 289 36.90 4.55 29.79
CA VAL D 289 35.61 3.93 30.13
C VAL D 289 35.64 3.49 31.59
N LYS D 290 34.57 3.81 32.33
CA LYS D 290 34.41 3.33 33.69
C LYS D 290 33.44 2.15 33.72
N ALA D 291 32.32 2.32 33.02
CA ALA D 291 31.29 1.29 33.02
C ALA D 291 30.43 1.42 31.79
N VAL D 292 29.83 0.28 31.43
CA VAL D 292 28.80 0.22 30.42
C VAL D 292 27.55 -0.34 31.08
N PHE D 293 26.46 0.40 30.97
CA PHE D 293 25.17 -0.12 31.40
C PHE D 293 24.49 -0.72 30.18
N SER D 294 24.12 -2.00 30.33
CA SER D 294 23.28 -2.69 29.39
C SER D 294 21.83 -2.32 29.69
N GLY D 295 21.37 -1.22 29.10
CA GLY D 295 20.12 -0.62 29.52
C GLY D 295 20.05 -0.42 31.04
N ALA D 296 18.92 -0.87 31.63
CA ALA D 296 18.78 -0.89 33.07
C ALA D 296 18.97 -2.30 33.63
N LEU D 297 19.65 -3.20 32.89
CA LEU D 297 19.74 -4.60 33.29
C LEU D 297 21.07 -4.97 33.93
N ASP D 298 22.20 -4.61 33.30
CA ASP D 298 23.52 -5.07 33.73
C ASP D 298 24.50 -3.89 33.71
N CYS D 299 25.55 -4.03 34.52
CA CYS D 299 26.65 -3.06 34.59
C CYS D 299 27.95 -3.80 34.35
N PHE D 300 28.62 -3.50 33.24
CA PHE D 300 29.91 -4.10 32.92
C PHE D 300 30.98 -3.08 33.27
N SER D 301 32.08 -3.55 33.86
CA SER D 301 33.22 -2.70 34.17
C SER D 301 34.16 -2.60 32.97
N SER D 302 35.18 -1.74 33.10
CA SER D 302 36.17 -1.55 32.05
C SER D 302 37.01 -2.82 31.84
N GLU D 303 36.96 -3.77 32.79
CA GLU D 303 37.64 -5.03 32.68
C GLU D 303 36.85 -6.01 31.81
N GLU D 304 35.65 -5.63 31.36
CA GLU D 304 34.76 -6.57 30.72
C GLU D 304 34.40 -6.13 29.29
N LEU D 305 35.31 -5.42 28.62
CA LEU D 305 35.01 -4.83 27.31
C LEU D 305 35.27 -5.81 26.19
N ASP D 306 36.01 -6.91 26.44
CA ASP D 306 36.35 -7.84 25.38
C ASP D 306 35.33 -8.97 25.27
N ILE D 307 34.10 -8.73 25.66
CA ILE D 307 33.04 -9.71 25.52
C ILE D 307 32.32 -9.52 24.18
N PRO D 308 31.78 -10.61 23.61
CA PRO D 308 31.01 -10.52 22.37
C PRO D 308 29.61 -10.00 22.60
N MET D 309 29.10 -9.29 21.59
CA MET D 309 27.79 -8.69 21.61
C MET D 309 26.74 -9.69 21.15
N ASP D 310 26.70 -10.84 21.83
CA ASP D 310 25.85 -11.95 21.47
C ASP D 310 25.01 -12.32 22.68
N TYR D 311 24.33 -13.47 22.58
N TYR D 311 24.29 -13.44 22.60
CA TYR D 311 23.40 -13.94 23.60
CA TYR D 311 23.44 -13.84 23.73
C TYR D 311 24.02 -15.08 24.41
C TYR D 311 24.02 -15.08 24.40
N SER D 312 25.36 -15.19 24.38
CA SER D 312 26.05 -16.25 25.08
C SER D 312 26.10 -15.91 26.57
N PRO D 313 26.26 -16.92 27.46
CA PRO D 313 26.45 -16.64 28.88
C PRO D 313 27.50 -15.60 29.25
N LEU D 314 28.63 -15.58 28.51
CA LEU D 314 29.72 -14.66 28.80
C LEU D 314 29.64 -13.42 27.91
N GLY D 315 28.58 -13.32 27.11
CA GLY D 315 28.41 -12.22 26.17
C GLY D 315 27.62 -11.09 26.81
N PHE D 316 27.40 -10.03 26.02
CA PHE D 316 26.75 -8.82 26.51
C PHE D 316 25.30 -9.12 26.88
N GLY D 317 24.61 -9.82 25.98
CA GLY D 317 23.21 -10.14 26.18
C GLY D 317 22.30 -8.92 26.04
N GLY D 318 21.20 -8.99 26.79
CA GLY D 318 20.18 -7.96 26.83
C GLY D 318 19.59 -7.74 25.44
N THR D 319 19.46 -6.47 25.07
CA THR D 319 19.04 -6.07 23.74
C THR D 319 20.19 -5.42 22.98
N GLY D 320 21.41 -5.52 23.50
CA GLY D 320 22.55 -4.89 22.85
C GLY D 320 22.60 -3.39 23.14
N THR D 321 21.92 -2.93 24.19
CA THR D 321 21.91 -1.53 24.57
C THR D 321 23.19 -1.17 25.31
N VAL D 322 23.93 -0.18 24.78
CA VAL D 322 25.22 0.20 25.31
C VAL D 322 25.18 1.66 25.76
N ILE D 323 25.20 1.87 27.07
CA ILE D 323 25.30 3.21 27.66
C ILE D 323 26.68 3.32 28.28
N VAL D 324 27.51 4.26 27.80
CA VAL D 324 28.88 4.36 28.21
C VAL D 324 29.04 5.46 29.28
N LEU D 325 29.62 5.07 30.41
CA LEU D 325 30.06 6.01 31.44
C LEU D 325 31.59 6.08 31.45
N THR D 326 32.13 7.28 31.64
CA THR D 326 33.57 7.42 31.74
C THR D 326 33.99 7.79 33.16
N GLU D 327 35.32 7.99 33.30
CA GLU D 327 36.03 7.95 34.57
C GLU D 327 35.51 8.98 35.58
N GLU D 328 34.91 10.09 35.14
CA GLU D 328 34.44 11.08 36.10
C GLU D 328 32.96 10.90 36.47
N ASP D 329 32.28 9.92 35.86
CA ASP D 329 30.87 9.72 36.12
C ASP D 329 30.67 8.98 37.44
N ASP D 330 29.84 9.55 38.32
CA ASP D 330 29.63 9.01 39.65
C ASP D 330 28.73 7.77 39.53
N ILE D 331 29.21 6.62 39.97
CA ILE D 331 28.46 5.38 39.80
C ILE D 331 27.22 5.35 40.69
N VAL D 332 27.32 5.97 41.89
CA VAL D 332 26.19 5.94 42.82
C VAL D 332 25.07 6.82 42.26
N GLU D 333 25.44 7.98 41.71
CA GLU D 333 24.49 8.86 41.07
C GLU D 333 23.80 8.14 39.91
N ALA D 334 24.57 7.37 39.12
CA ALA D 334 24.00 6.61 38.01
C ALA D 334 23.06 5.52 38.54
N ALA D 335 23.48 4.84 39.60
CA ALA D 335 22.68 3.81 40.22
C ALA D 335 21.35 4.39 40.68
N LEU D 336 21.36 5.60 41.23
CA LEU D 336 20.15 6.26 41.69
C LEU D 336 19.17 6.43 40.53
N LYS D 337 19.68 6.81 39.35
CA LYS D 337 18.82 6.96 38.18
C LYS D 337 18.17 5.63 37.81
N ILE D 338 18.92 4.52 37.91
CA ILE D 338 18.36 3.21 37.63
C ILE D 338 17.30 2.86 38.69
N ALA D 339 17.58 3.10 39.97
CA ALA D 339 16.58 2.85 41.01
C ALA D 339 15.29 3.63 40.76
N GLU D 340 15.43 4.88 40.32
CA GLU D 340 14.29 5.76 40.08
C GLU D 340 13.42 5.19 38.96
N PHE D 341 14.06 4.61 37.95
CA PHE D 341 13.33 4.03 36.84
C PHE D 341 12.41 2.92 37.34
N TYR D 342 12.97 2.00 38.12
CA TYR D 342 12.18 0.88 38.60
C TYR D 342 11.10 1.34 39.57
N GLU D 343 11.40 2.33 40.40
CA GLU D 343 10.39 2.91 41.29
C GLU D 343 9.19 3.36 40.47
N HIS D 344 9.48 4.04 39.36
CA HIS D 344 8.43 4.64 38.56
C HIS D 344 7.64 3.62 37.75
N GLU D 345 8.15 2.40 37.57
CA GLU D 345 7.58 1.51 36.57
C GLU D 345 7.01 0.22 37.17
N THR D 346 7.33 -0.16 38.42
CA THR D 346 6.64 -1.30 39.02
C THR D 346 5.13 -1.11 38.93
N CYS D 347 4.40 -2.15 38.53
CA CYS D 347 2.96 -2.04 38.41
C CYS D 347 2.27 -2.27 39.76
N GLY D 348 2.98 -2.83 40.75
CA GLY D 348 2.52 -2.87 42.14
C GLY D 348 1.71 -4.09 42.55
N GLN D 349 1.47 -5.03 41.62
CA GLN D 349 0.71 -6.22 41.91
C GLN D 349 1.39 -7.11 42.96
N CYS D 350 2.72 -7.18 42.90
CA CYS D 350 3.49 -8.05 43.77
C CYS D 350 4.07 -7.20 44.92
N THR D 351 4.01 -7.71 46.15
CA THR D 351 4.35 -6.90 47.31
C THR D 351 5.84 -6.57 47.33
N PRO D 352 6.78 -7.54 47.26
CA PRO D 352 8.19 -7.18 47.32
C PRO D 352 8.67 -6.26 46.20
N CYS D 353 8.10 -6.41 45.00
CA CYS D 353 8.38 -5.51 43.90
C CYS D 353 7.82 -4.11 44.18
N ARG D 354 6.56 -4.03 44.59
CA ARG D 354 5.94 -2.74 44.87
C ARG D 354 6.74 -1.97 45.92
N VAL D 355 6.98 -2.60 47.06
CA VAL D 355 7.60 -1.90 48.17
C VAL D 355 9.11 -1.79 47.91
N GLY D 356 9.69 -2.83 47.30
CA GLY D 356 11.13 -2.90 47.10
C GLY D 356 11.61 -1.87 46.09
N CYS D 357 10.91 -1.73 44.95
CA CYS D 357 11.31 -0.73 43.96
C CYS D 357 11.22 0.66 44.58
N TYR D 358 10.17 0.88 45.38
CA TYR D 358 9.99 2.15 46.06
C TYR D 358 11.13 2.38 47.05
N GLU D 359 11.39 1.42 47.96
CA GLU D 359 12.36 1.63 49.04
C GLU D 359 13.80 1.68 48.51
N GLN D 360 14.10 0.89 47.48
CA GLN D 360 15.41 0.92 46.86
C GLN D 360 15.74 2.34 46.43
N ALA D 361 14.79 3.02 45.77
CA ALA D 361 15.02 4.39 45.30
C ALA D 361 15.06 5.41 46.45
N ASN D 362 14.12 5.26 47.40
CA ASN D 362 13.96 6.15 48.55
C ASN D 362 15.24 6.17 49.38
N LEU D 363 15.75 4.98 49.70
CA LEU D 363 16.94 4.85 50.53
C LEU D 363 18.19 5.28 49.75
N LEU D 364 18.27 4.90 48.46
CA LEU D 364 19.44 5.26 47.66
C LEU D 364 19.54 6.78 47.51
N GLU D 365 18.39 7.48 47.43
CA GLU D 365 18.39 8.93 47.43
C GLU D 365 18.99 9.50 48.71
N LYS D 366 18.60 8.94 49.86
CA LYS D 366 19.15 9.40 51.13
C LYS D 366 20.65 9.18 51.16
N ILE D 367 21.09 8.03 50.63
CA ILE D 367 22.51 7.70 50.60
C ILE D 367 23.24 8.75 49.75
N TYR D 368 22.73 8.98 48.54
CA TYR D 368 23.33 9.91 47.61
C TYR D 368 23.45 11.30 48.25
N LYS D 369 22.39 11.74 48.95
CA LYS D 369 22.35 13.09 49.50
C LYS D 369 23.10 13.18 50.83
N GLY D 370 23.64 12.06 51.35
CA GLY D 370 24.41 12.06 52.58
C GLY D 370 23.53 12.19 53.82
N GLU D 371 22.29 11.71 53.71
CA GLU D 371 21.30 11.84 54.77
C GLU D 371 20.92 10.48 55.34
N ALA D 372 21.63 9.41 54.95
CA ALA D 372 21.25 8.06 55.29
C ALA D 372 21.83 7.68 56.65
N THR D 373 20.98 7.11 57.51
CA THR D 373 21.41 6.52 58.76
C THR D 373 22.10 5.20 58.47
N GLU D 374 22.75 4.65 59.50
CA GLU D 374 23.27 3.29 59.40
C GLU D 374 22.15 2.30 59.05
N GLN D 375 20.97 2.51 59.65
N GLN D 375 20.97 2.51 59.65
CA GLN D 375 19.85 1.61 59.39
CA GLN D 375 19.83 1.63 59.38
C GLN D 375 19.38 1.73 57.93
C GLN D 375 19.39 1.74 57.93
N ASP D 376 19.46 2.94 57.37
CA ASP D 376 19.11 3.17 55.97
C ASP D 376 20.06 2.43 55.03
N TRP D 377 21.36 2.41 55.36
CA TRP D 377 22.34 1.67 54.57
C TRP D 377 22.06 0.16 54.59
N GLU D 378 21.86 -0.40 55.79
CA GLU D 378 21.60 -1.82 55.91
C GLU D 378 20.28 -2.17 55.25
N GLY D 379 19.27 -1.28 55.39
CA GLY D 379 17.97 -1.47 54.78
C GLY D 379 18.06 -1.47 53.26
N PHE D 380 18.85 -0.54 52.72
CA PHE D 380 19.11 -0.45 51.29
C PHE D 380 19.69 -1.76 50.75
N ASP D 381 20.72 -2.28 51.43
CA ASP D 381 21.32 -3.55 51.05
C ASP D 381 20.26 -4.66 51.04
N PHE D 382 19.46 -4.67 52.10
CA PHE D 382 18.45 -5.73 52.23
C PHE D 382 17.40 -5.60 51.14
N VAL D 383 16.87 -4.39 50.93
CA VAL D 383 15.81 -4.20 49.98
C VAL D 383 16.29 -4.60 48.59
N ASN D 384 17.53 -4.21 48.27
CA ASN D 384 18.05 -4.50 46.94
C ASN D 384 18.05 -6.00 46.63
N ARG D 385 18.25 -6.83 47.67
N ARG D 385 18.23 -6.83 47.66
CA ARG D 385 18.35 -8.27 47.54
CA ARG D 385 18.34 -8.28 47.51
C ARG D 385 16.98 -8.95 47.58
C ARG D 385 16.98 -8.96 47.59
N ASN D 386 15.92 -8.19 47.88
CA ASN D 386 14.62 -8.77 48.19
C ASN D 386 13.48 -8.12 47.40
N ILE D 387 13.74 -7.72 46.14
CA ILE D 387 12.69 -7.22 45.27
C ILE D 387 12.03 -8.37 44.52
N GLN D 388 12.82 -9.38 44.17
N GLN D 388 12.82 -9.38 44.17
CA GLN D 388 12.38 -10.47 43.30
CA GLN D 388 12.39 -10.48 43.30
C GLN D 388 11.34 -11.41 43.94
C GLN D 388 11.36 -11.41 43.93
N PRO D 389 11.39 -11.76 45.25
CA PRO D 389 10.49 -12.80 45.75
C PRO D 389 9.00 -12.59 45.44
N THR D 390 8.35 -13.66 44.96
CA THR D 390 6.95 -13.72 44.59
C THR D 390 6.64 -12.97 43.30
N SER D 391 7.65 -12.35 42.67
CA SER D 391 7.42 -11.57 41.46
C SER D 391 6.83 -12.46 40.38
N ILE D 392 5.88 -11.90 39.63
CA ILE D 392 5.28 -12.66 38.55
C ILE D 392 5.81 -12.23 37.19
N CYS D 393 6.61 -11.17 37.10
CA CYS D 393 7.21 -10.81 35.83
C CYS D 393 8.68 -10.42 36.00
N GLY D 394 9.34 -10.20 34.85
CA GLY D 394 10.78 -9.98 34.84
C GLY D 394 11.22 -8.68 35.47
N LEU D 395 10.32 -7.70 35.66
CA LEU D 395 10.69 -6.43 36.24
C LEU D 395 11.20 -6.64 37.67
N GLY D 396 10.41 -7.39 38.46
CA GLY D 396 10.75 -7.64 39.86
C GLY D 396 12.04 -8.43 39.97
N ALA D 397 12.26 -9.31 38.98
CA ALA D 397 13.42 -10.18 38.98
C ALA D 397 14.71 -9.38 38.77
N VAL D 398 14.63 -8.23 38.09
CA VAL D 398 15.85 -7.54 37.68
C VAL D 398 15.95 -6.15 38.28
N ALA D 399 14.97 -5.68 39.05
CA ALA D 399 15.00 -4.32 39.54
C ALA D 399 16.23 -4.03 40.42
N GLY D 400 16.82 -5.06 41.04
CA GLY D 400 17.99 -4.91 41.88
C GLY D 400 19.32 -5.24 41.19
N ARG D 401 19.25 -5.77 39.95
CA ARG D 401 20.38 -6.48 39.37
C ARG D 401 21.54 -5.55 39.05
N LEU D 402 21.29 -4.51 38.26
CA LEU D 402 22.34 -3.57 37.88
C LEU D 402 22.95 -2.94 39.13
N ILE D 403 22.11 -2.53 40.07
CA ILE D 403 22.60 -1.83 41.25
C ILE D 403 23.51 -2.74 42.06
N ARG D 404 23.11 -4.01 42.21
CA ARG D 404 23.93 -4.98 42.90
C ARG D 404 25.28 -5.14 42.21
N GLN D 405 25.30 -5.16 40.87
CA GLN D 405 26.56 -5.28 40.15
C GLN D 405 27.43 -4.04 40.44
N THR D 406 26.86 -2.84 40.58
CA THR D 406 27.69 -1.68 40.87
C THR D 406 28.28 -1.78 42.27
N LEU D 407 27.51 -2.40 43.18
CA LEU D 407 27.99 -2.56 44.55
C LEU D 407 29.17 -3.52 44.58
N GLU D 408 29.15 -4.52 43.72
CA GLU D 408 30.21 -5.53 43.68
C GLU D 408 31.43 -5.02 42.91
N LYS D 409 31.20 -4.24 41.85
CA LYS D 409 32.25 -3.89 40.89
C LYS D 409 32.89 -2.54 41.25
N PHE D 410 32.18 -1.68 41.96
CA PHE D 410 32.68 -0.36 42.32
C PHE D 410 32.56 -0.13 43.83
N PRO D 411 33.07 -1.03 44.69
CA PRO D 411 32.91 -0.89 46.14
C PRO D 411 33.52 0.40 46.70
N GLU D 412 34.67 0.82 46.14
CA GLU D 412 35.38 1.98 46.63
C GLU D 412 34.48 3.22 46.50
N GLU D 413 33.72 3.34 45.39
CA GLU D 413 32.87 4.50 45.23
C GLU D 413 31.74 4.46 46.26
N TRP D 414 31.11 3.29 46.44
CA TRP D 414 30.03 3.18 47.40
C TRP D 414 30.55 3.51 48.80
N GLU D 415 31.76 3.06 49.10
CA GLU D 415 32.33 3.24 50.43
C GLU D 415 32.49 4.72 50.76
N LYS D 416 32.81 5.55 49.76
CA LYS D 416 32.95 6.98 49.98
C LYS D 416 31.61 7.59 50.41
N TYR D 417 30.49 7.03 49.93
CA TYR D 417 29.18 7.50 50.36
C TYR D 417 28.85 7.00 51.77
N ARG D 418 29.25 5.76 52.11
CA ARG D 418 28.95 5.17 53.40
C ARG D 418 29.67 5.93 54.52
N LYS D 419 30.93 6.32 54.28
CA LYS D 419 31.64 7.23 55.16
C LYS D 419 31.10 8.65 54.94
N LYS D 420 29.79 8.83 55.14
CA LYS D 420 29.12 10.09 54.85
C LYS D 420 27.59 9.89 54.90
FE1 FES E . 1.37 2.14 -21.14
FE2 FES E . -1.25 2.89 -21.02
S1 FES E . -0.31 1.09 -20.13
S2 FES E . 0.47 4.03 -21.90
S SO4 F . 2.41 -12.22 -38.48
O1 SO4 F . 2.00 -10.89 -38.11
O2 SO4 F . 3.53 -12.63 -37.64
O3 SO4 F . 1.30 -13.12 -38.31
O4 SO4 F . 2.80 -12.23 -39.87
S SO4 G . -24.93 -19.25 -40.98
O1 SO4 G . -23.65 -19.79 -41.31
O2 SO4 G . -25.88 -19.65 -41.99
O3 SO4 G . -25.34 -19.75 -39.70
O4 SO4 G . -24.86 -17.80 -40.94
CL CL H . -21.78 -22.49 -37.83
NA NA I . -24.02 -21.51 -38.38
NA NA J . -20.59 -23.09 -41.66
NA NA K . 14.66 -21.76 -17.01
FE1 SF4 L . -11.45 4.13 -39.65
FE2 SF4 L . -11.02 4.24 -42.34
FE3 SF4 L . -9.94 2.18 -40.90
FE4 SF4 L . -8.99 4.78 -40.65
S1 SF4 L . -8.84 3.44 -42.47
S2 SF4 L . -9.38 3.29 -38.96
S3 SF4 L . -10.93 5.94 -40.86
S4 SF4 L . -12.22 2.67 -41.24
C9A FNR M . -14.46 3.59 -30.15
N10 FNR M . -15.44 3.37 -29.14
CAA FNR M . -15.11 2.59 -28.07
N1 FNR M . -16.10 2.29 -27.17
C2 FNR M . -15.89 1.50 -26.09
O2 FNR M . -16.82 1.18 -25.34
N3 FNR M . -14.64 1.01 -25.93
C4 FNR M . -13.56 1.20 -26.79
O4 FNR M . -12.51 0.64 -26.55
C4A FNR M . -13.86 2.06 -27.89
N5 FNR M . -12.90 2.25 -28.85
C5A FNR M . -13.19 3.01 -29.99
C6 FNR M . -12.21 3.21 -30.96
C7 FNR M . -12.49 3.97 -32.09
C7M FNR M . -11.40 4.21 -33.11
C8 FNR M . -13.76 4.56 -32.24
C8M FNR M . -14.08 5.46 -33.40
C9 FNR M . -14.74 4.37 -31.27
C1' FNR M . -16.80 3.89 -29.29
C2' FNR M . -17.76 2.84 -29.85
O2' FNR M . -17.69 2.85 -31.28
C3' FNR M . -19.19 3.12 -29.39
O3' FNR M . -19.55 4.49 -29.51
C4' FNR M . -19.48 2.76 -27.94
O4' FNR M . -18.94 1.48 -27.60
C5' FNR M . -20.96 2.85 -27.69
O5' FNR M . -21.22 2.63 -26.28
P FNR M . -21.72 3.85 -25.35
O1P FNR M . -22.89 4.55 -25.98
O2P FNR M . -22.07 3.17 -24.03
O3P FNR M . -20.53 4.77 -25.21
PA NAD N . -20.96 8.10 -32.80
O1A NAD N . -21.12 9.49 -32.32
O2A NAD N . -21.10 7.80 -34.26
O5B NAD N . -22.01 7.15 -32.04
C5B NAD N . -21.98 6.91 -30.62
C4B NAD N . -22.97 5.80 -30.32
O4B NAD N . -24.31 6.30 -30.59
C3B NAD N . -22.83 4.54 -31.18
O3B NAD N . -23.26 3.37 -30.50
C2B NAD N . -23.77 4.85 -32.36
O2B NAD N . -24.23 3.67 -32.99
C1B NAD N . -24.90 5.58 -31.65
N9A NAD N . -25.63 6.50 -32.50
C8A NAD N . -25.25 7.76 -32.91
N7A NAD N . -26.14 8.36 -33.65
C5A NAD N . -27.19 7.45 -33.74
C6A NAD N . -28.43 7.51 -34.38
N6A NAD N . -28.84 8.56 -35.09
N1A NAD N . -29.25 6.44 -34.26
C2A NAD N . -28.82 5.39 -33.54
N3A NAD N . -27.68 5.24 -32.88
C4A NAD N . -26.89 6.31 -33.03
O3 NAD N . -19.51 7.66 -32.31
PN NAD N . -18.46 6.46 -32.59
O1N NAD N . -18.12 6.45 -34.05
O2N NAD N . -19.04 5.20 -32.02
O5D NAD N . -17.19 6.91 -31.72
C5D NAD N . -16.48 8.15 -32.04
C4D NAD N . -16.60 9.10 -30.88
O4D NAD N . -16.66 8.33 -29.65
C3D NAD N . -15.43 10.07 -30.65
O3D NAD N . -15.89 11.21 -29.92
C2D NAD N . -14.44 9.18 -29.88
O2D NAD N . -13.58 9.89 -29.00
C1D NAD N . -15.38 8.31 -29.02
N1N NAD N . -14.99 6.90 -28.84
C1 GOL O . -12.64 -5.64 1.65
O1 GOL O . -13.82 -5.11 2.24
C2 GOL O . -11.41 -5.24 2.43
O2 GOL O . -11.15 -6.19 3.45
C3 GOL O . -10.18 -5.10 1.58
O3 GOL O . -9.85 -6.34 0.96
NA NA P . -21.64 -2.94 2.52
NA NA Q . -38.82 8.12 -22.14
NA NA R . -27.82 -18.50 -27.24
NA NA S . -24.05 -2.01 -3.15
NA NA T . -8.15 -4.25 -11.99
FE1 FES U . 16.56 10.20 28.11
FE2 FES U . 16.70 7.69 27.00
S1 FES U . 15.84 9.55 26.11
S2 FES U . 17.55 8.40 28.96
S SO4 V . -3.99 11.61 37.37
O1 SO4 V . -2.71 10.96 37.49
O2 SO4 V . -3.80 13.01 37.05
O3 SO4 V . -4.78 10.98 36.33
O4 SO4 V . -4.70 11.49 38.63
S SO4 W . -17.08 -9.61 23.69
O1 SO4 W . -17.43 -8.25 24.03
O2 SO4 W . -18.11 -10.50 24.18
O3 SO4 W . -16.97 -9.72 22.25
O4 SO4 W . -15.83 -9.98 24.29
CL CL X . -17.42 -4.49 21.37
NA NA Y . -17.50 -6.97 20.90
NA NA Z . 1.27 32.15 23.13
FE1 SF4 AA . 4.87 -7.97 39.85
FE2 SF4 AA . 4.13 -5.74 38.51
FE3 SF4 AA . 6.04 -7.45 37.45
FE4 SF4 AA . 6.66 -5.97 39.66
S1 SF4 AA . 6.16 -5.14 37.61
S2 SF4 AA . 7.07 -8.18 39.33
S3 SF4 AA . 4.62 -5.85 40.72
S4 SF4 AA . 3.86 -7.98 37.87
C9A FNR BA . 9.75 -6.76 28.19
N10 FNR BA . 9.86 -7.17 26.84
CAA FNR BA . 9.83 -6.21 25.85
N1 FNR BA . 9.84 -6.65 24.56
C2 FNR BA . 9.77 -5.76 23.51
O2 FNR BA . 9.71 -6.16 22.35
N3 FNR BA . 9.72 -4.44 23.83
C4 FNR BA . 9.66 -3.88 25.10
O4 FNR BA . 9.52 -2.67 25.24
C4A FNR BA . 9.72 -4.86 26.14
N5 FNR BA . 9.61 -4.45 27.42
C5A FNR BA . 9.60 -5.39 28.47
C6 FNR BA . 9.47 -4.95 29.78
C7 FNR BA . 9.49 -5.86 30.82
C7M FNR BA . 9.37 -5.35 32.24
C8 FNR BA . 9.64 -7.23 30.57
C8M FNR BA . 9.74 -8.22 31.68
C9 FNR BA . 9.77 -7.68 29.25
C1' FNR BA . 9.96 -8.59 26.49
C2' FNR BA . 8.59 -9.12 26.10
O2' FNR BA . 7.88 -9.56 27.28
C3' FNR BA . 8.74 -10.32 25.14
O3' FNR BA . 9.75 -11.23 25.53
C4' FNR BA . 9.06 -9.94 23.70
O4' FNR BA . 8.27 -8.84 23.27
C5' FNR BA . 8.97 -11.15 22.82
O5' FNR BA . 9.41 -10.80 21.47
P FNR BA . 10.78 -11.45 20.92
O1P FNR BA . 10.79 -11.10 19.44
O2P FNR BA . 10.76 -12.96 21.16
O3P FNR BA . 11.86 -10.76 21.70
PA NAD CA . 10.73 -14.96 28.94
O1A NAD CA . 12.08 -15.55 29.01
O2A NAD CA . 9.68 -15.31 29.96
O5B NAD CA . 10.10 -15.28 27.49
C5B NAD CA . 10.64 -14.76 26.27
C4B NAD CA . 9.69 -15.04 25.13
O4B NAD CA . 9.67 -16.48 24.93
C3B NAD CA . 8.23 -14.66 25.39
O3B NAD CA . 7.60 -14.28 24.17
C2B NAD CA . 7.64 -15.93 26.01
O2B NAD CA . 6.23 -16.06 25.92
C1B NAD CA . 8.38 -16.99 25.21
N9A NAD CA . 8.51 -18.25 25.94
C8A NAD CA . 9.35 -18.50 27.00
N7A NAD CA . 9.28 -19.74 27.44
C5A NAD CA . 8.28 -20.31 26.65
C6A NAD CA . 7.73 -21.60 26.64
N6A NAD CA . 8.10 -22.55 27.48
N1A NAD CA . 6.77 -21.85 25.73
C2A NAD CA . 6.43 -20.88 24.87
N3A NAD CA . 6.88 -19.63 24.78
C4A NAD CA . 7.81 -19.40 25.72
O3 NAD CA . 10.98 -13.37 28.95
PN NAD CA . 10.06 -12.08 29.25
O1N NAD CA . 9.42 -12.24 30.59
O2N NAD CA . 9.14 -11.86 28.09
O5D NAD CA . 11.13 -10.90 29.29
C5D NAD CA . 12.17 -10.89 30.31
C4D NAD CA . 13.51 -10.76 29.63
O4D NAD CA . 13.36 -10.00 28.40
C3D NAD CA . 14.59 -10.01 30.42
O3D NAD CA . 15.87 -10.51 30.06
C2D NAD CA . 14.33 -8.55 30.03
O2D NAD CA . 15.47 -7.70 30.09
C1D NAD CA . 13.92 -8.70 28.55
N1N NAD CA . 12.92 -7.72 28.10
C1 GOL DA . 19.20 10.85 1.76
O1 GOL DA . 18.10 11.72 1.96
C2 GOL DA . 19.45 10.57 0.32
O2 GOL DA . 19.21 11.78 -0.41
C3 GOL DA . 18.60 9.46 -0.23
O3 GOL DA . 18.89 8.23 0.41
S SO4 EA . -4.26 -25.07 11.92
O1 SO4 EA . -4.58 -24.64 10.58
O2 SO4 EA . -3.10 -24.37 12.38
O3 SO4 EA . -5.37 -24.80 12.78
O4 SO4 EA . -3.97 -26.48 11.92
NA NA FA . 13.90 7.67 13.85
NA NA GA . -10.58 -9.40 13.41
NA NA HA . 2.93 4.53 -6.53
NA NA IA . 9.40 -23.60 -1.35
#